data_1SKH
#
_entry.id   1SKH
#
_cell.length_a   1.000
_cell.length_b   1.000
_cell.length_c   1.000
_cell.angle_alpha   90.00
_cell.angle_beta   90.00
_cell.angle_gamma   90.00
#
_symmetry.space_group_name_H-M   'P 1'
#
_entity_poly.entity_id   1
_entity_poly.type   'polypeptide(L)'
_entity_poly.pdbx_seq_one_letter_code
;MVKSKIGSWILVLFVAMWSDVGLCKKRPKP
;
_entity_poly.pdbx_strand_id   A
#
# COMPACT_ATOMS: atom_id res chain seq x y z
N MET A 1 0.66 -1.62 17.62
CA MET A 1 0.65 -2.63 18.67
C MET A 1 1.75 -2.36 19.69
N VAL A 2 2.99 -2.64 19.28
CA VAL A 2 4.13 -2.43 20.15
C VAL A 2 5.21 -1.65 19.39
N LYS A 3 6.09 -1.03 20.16
CA LYS A 3 7.17 -0.25 19.56
C LYS A 3 8.04 -1.17 18.71
N SER A 4 7.96 -2.46 19.00
CA SER A 4 8.73 -3.44 18.25
C SER A 4 8.02 -3.78 16.95
N LYS A 5 6.72 -3.52 16.92
CA LYS A 5 5.93 -3.79 15.74
C LYS A 5 5.70 -2.49 14.97
N ILE A 6 6.79 -1.84 14.63
CA ILE A 6 6.74 -0.59 13.89
C ILE A 6 7.16 -0.83 12.45
N GLY A 7 7.90 -1.90 12.25
CA GLY A 7 8.38 -2.25 10.93
C GLY A 7 7.40 -3.16 10.21
N SER A 8 6.12 -2.95 10.50
CA SER A 8 5.07 -3.75 9.89
C SER A 8 4.23 -2.88 8.96
N TRP A 9 4.28 -1.58 9.21
CA TRP A 9 3.54 -0.63 8.40
C TRP A 9 4.23 -0.53 7.04
N ILE A 10 5.56 -0.55 7.08
CA ILE A 10 6.34 -0.45 5.86
C ILE A 10 5.82 -1.46 4.84
N LEU A 11 5.46 -2.64 5.34
CA LEU A 11 4.93 -3.68 4.49
C LEU A 11 3.58 -3.26 3.93
N VAL A 12 2.67 -2.95 4.84
CA VAL A 12 1.33 -2.53 4.46
C VAL A 12 1.42 -1.25 3.63
N LEU A 13 2.59 -0.63 3.70
CA LEU A 13 2.82 0.61 2.98
C LEU A 13 2.94 0.30 1.49
N PHE A 14 3.85 -0.61 1.18
CA PHE A 14 4.08 -1.01 -0.20
C PHE A 14 2.78 -1.51 -0.85
N VAL A 15 2.12 -2.42 -0.16
CA VAL A 15 0.87 -2.97 -0.65
C VAL A 15 -0.17 -1.86 -0.78
N ALA A 16 0.06 -0.79 -0.01
CA ALA A 16 -0.85 0.34 -0.02
C ALA A 16 -0.55 1.20 -1.25
N MET A 17 0.73 1.44 -1.47
CA MET A 17 1.15 2.26 -2.60
C MET A 17 0.69 1.64 -3.92
N TRP A 18 0.76 0.31 -3.97
CA TRP A 18 0.36 -0.41 -5.17
C TRP A 18 -1.17 -0.33 -5.27
N SER A 19 -1.82 -0.74 -4.19
CA SER A 19 -3.28 -0.74 -4.15
C SER A 19 -3.80 0.66 -4.47
N ASP A 20 -2.93 1.65 -4.27
CA ASP A 20 -3.28 3.03 -4.53
C ASP A 20 -3.30 3.27 -6.04
N VAL A 21 -2.27 2.78 -6.70
CA VAL A 21 -2.16 2.93 -8.13
C VAL A 21 -3.28 2.14 -8.82
N GLY A 22 -3.78 1.16 -8.10
CA GLY A 22 -4.86 0.33 -8.63
C GLY A 22 -6.21 0.81 -8.13
N LEU A 23 -6.39 2.13 -8.18
CA LEU A 23 -7.63 2.73 -7.74
C LEU A 23 -8.13 3.71 -8.81
N CYS A 24 -7.30 4.69 -9.10
CA CYS A 24 -7.64 5.69 -10.10
C CYS A 24 -6.87 5.36 -11.39
N LYS A 25 -7.35 4.35 -12.09
CA LYS A 25 -6.73 3.93 -13.33
C LYS A 25 -7.27 2.56 -13.74
N LYS A 26 -7.62 1.77 -12.73
CA LYS A 26 -8.15 0.44 -12.98
C LYS A 26 -9.61 0.56 -13.44
N ARG A 27 -10.21 1.69 -13.11
CA ARG A 27 -11.59 1.94 -13.49
C ARG A 27 -12.52 0.89 -12.86
N PRO A 28 -13.79 1.32 -12.62
CA PRO A 28 -14.78 0.43 -12.02
C PRO A 28 -15.27 -0.60 -13.04
N LYS A 29 -16.01 -1.57 -12.53
CA LYS A 29 -16.55 -2.62 -13.37
C LYS A 29 -17.77 -2.08 -14.12
N PRO A 30 -18.77 -1.59 -13.33
CA PRO A 30 -19.99 -1.05 -13.90
C PRO A 30 -19.74 0.33 -14.51
N MET A 1 8.40 -6.54 18.03
CA MET A 1 8.75 -5.76 19.21
C MET A 1 7.60 -4.84 19.61
N VAL A 2 7.10 -4.10 18.61
CA VAL A 2 6.00 -3.18 18.85
C VAL A 2 4.77 -3.66 18.09
N LYS A 3 3.61 -3.44 18.70
CA LYS A 3 2.35 -3.84 18.10
C LYS A 3 2.19 -3.15 16.75
N SER A 4 2.90 -2.04 16.61
CA SER A 4 2.85 -1.28 15.37
C SER A 4 3.64 -1.99 14.27
N LYS A 5 4.56 -2.84 14.72
CA LYS A 5 5.38 -3.60 13.78
C LYS A 5 5.91 -2.65 12.70
N ILE A 6 7.01 -1.98 13.03
CA ILE A 6 7.61 -1.05 12.09
C ILE A 6 7.92 -1.77 10.78
N GLY A 7 8.05 -3.09 10.89
CA GLY A 7 8.34 -3.91 9.72
C GLY A 7 7.10 -4.08 8.85
N SER A 8 6.08 -4.70 9.44
CA SER A 8 4.83 -4.94 8.74
C SER A 8 4.26 -3.62 8.23
N TRP A 9 4.68 -2.54 8.87
CA TRP A 9 4.22 -1.22 8.50
C TRP A 9 4.65 -0.95 7.06
N ILE A 10 5.95 -0.92 6.85
CA ILE A 10 6.51 -0.69 5.53
C ILE A 10 5.70 -1.47 4.49
N LEU A 11 5.62 -2.77 4.72
CA LEU A 11 4.87 -3.64 3.82
C LEU A 11 3.47 -3.08 3.62
N VAL A 12 2.77 -2.90 4.73
CA VAL A 12 1.42 -2.37 4.68
C VAL A 12 1.40 -1.07 3.88
N LEU A 13 2.54 -0.39 3.92
CA LEU A 13 2.67 0.87 3.20
C LEU A 13 2.69 0.60 1.69
N PHE A 14 3.60 -0.28 1.30
CA PHE A 14 3.73 -0.65 -0.11
C PHE A 14 2.41 -1.18 -0.66
N VAL A 15 1.77 -2.02 0.14
CA VAL A 15 0.50 -2.61 -0.26
C VAL A 15 -0.51 -1.50 -0.51
N ALA A 16 -0.28 -0.37 0.14
CA ALA A 16 -1.17 0.77 0.00
C ALA A 16 -0.85 1.49 -1.31
N MET A 17 0.42 1.83 -1.47
CA MET A 17 0.86 2.52 -2.67
C MET A 17 1.03 1.54 -3.84
N TRP A 18 0.68 0.30 -3.58
CA TRP A 18 0.78 -0.74 -4.59
C TRP A 18 -0.62 -1.03 -5.13
N SER A 19 -1.62 -0.73 -4.29
CA SER A 19 -3.00 -0.95 -4.66
C SER A 19 -3.72 0.39 -4.82
N ASP A 20 -3.10 1.43 -4.26
CA ASP A 20 -3.68 2.76 -4.32
C ASP A 20 -3.28 3.41 -5.64
N VAL A 21 -2.63 2.62 -6.49
CA VAL A 21 -2.20 3.11 -7.79
C VAL A 21 -3.04 2.46 -8.89
N GLY A 22 -2.51 1.37 -9.43
CA GLY A 22 -3.20 0.64 -10.48
C GLY A 22 -4.70 0.55 -10.19
N LEU A 23 -5.04 -0.25 -9.20
CA LEU A 23 -6.42 -0.43 -8.81
C LEU A 23 -7.11 0.94 -8.76
N CYS A 24 -6.31 1.95 -8.49
CA CYS A 24 -6.83 3.31 -8.40
C CYS A 24 -7.21 3.77 -9.81
N LYS A 25 -8.17 3.06 -10.39
CA LYS A 25 -8.64 3.38 -11.73
C LYS A 25 -9.89 2.57 -12.03
N LYS A 26 -9.69 1.47 -12.74
CA LYS A 26 -10.80 0.60 -13.10
C LYS A 26 -11.65 0.32 -11.86
N ARG A 27 -11.01 0.45 -10.70
CA ARG A 27 -11.71 0.21 -9.44
C ARG A 27 -12.66 -0.97 -9.57
N PRO A 28 -12.07 -2.20 -9.43
CA PRO A 28 -12.86 -3.41 -9.52
C PRO A 28 -13.70 -3.63 -8.26
N LYS A 29 -14.90 -4.16 -8.48
CA LYS A 29 -15.80 -4.42 -7.36
C LYS A 29 -16.26 -5.87 -7.42
N PRO A 30 -16.66 -6.40 -6.23
CA PRO A 30 -17.12 -7.77 -6.13
C PRO A 30 -18.53 -7.92 -6.70
N MET A 1 10.15 -13.22 10.61
CA MET A 1 9.66 -12.15 11.46
C MET A 1 9.87 -10.79 10.80
N VAL A 2 9.17 -9.80 11.33
CA VAL A 2 9.26 -8.44 10.81
C VAL A 2 10.54 -7.78 11.33
N LYS A 3 10.49 -6.46 11.42
CA LYS A 3 11.62 -5.70 11.90
C LYS A 3 11.50 -5.50 13.41
N SER A 4 11.14 -4.29 13.80
CA SER A 4 10.97 -3.96 15.20
C SER A 4 9.49 -3.71 15.51
N LYS A 5 8.76 -3.34 14.48
CA LYS A 5 7.34 -3.06 14.63
C LYS A 5 6.84 -2.29 13.40
N ILE A 6 7.75 -1.52 12.81
CA ILE A 6 7.42 -0.73 11.64
C ILE A 6 7.53 -1.62 10.39
N GLY A 7 8.27 -2.71 10.55
CA GLY A 7 8.47 -3.63 9.44
C GLY A 7 7.14 -4.02 8.80
N SER A 8 6.10 -4.06 9.64
CA SER A 8 4.78 -4.42 9.17
C SER A 8 4.10 -3.18 8.57
N TRP A 9 4.57 -2.03 8.98
CA TRP A 9 4.02 -0.77 8.49
C TRP A 9 4.49 -0.58 7.05
N ILE A 10 5.80 -0.47 6.90
CA ILE A 10 6.39 -0.28 5.58
C ILE A 10 5.74 -1.26 4.59
N LEU A 11 5.47 -2.46 5.08
CA LEU A 11 4.85 -3.48 4.25
C LEU A 11 3.46 -3.02 3.84
N VAL A 12 2.60 -2.88 4.83
CA VAL A 12 1.22 -2.45 4.59
C VAL A 12 1.24 -1.23 3.66
N LEU A 13 2.36 -0.51 3.69
CA LEU A 13 2.51 0.66 2.85
C LEU A 13 2.82 0.23 1.42
N PHE A 14 3.73 -0.72 1.30
CA PHE A 14 4.12 -1.22 -0.01
C PHE A 14 2.92 -1.80 -0.75
N VAL A 15 1.99 -2.35 0.02
CA VAL A 15 0.79 -2.94 -0.55
C VAL A 15 -0.29 -1.87 -0.67
N ALA A 16 -0.14 -0.83 0.14
CA ALA A 16 -1.09 0.27 0.14
C ALA A 16 -0.75 1.23 -1.01
N MET A 17 0.54 1.35 -1.27
CA MET A 17 1.01 2.23 -2.33
C MET A 17 0.71 1.63 -3.71
N TRP A 18 0.83 0.31 -3.78
CA TRP A 18 0.58 -0.39 -5.03
C TRP A 18 -0.93 -0.38 -5.29
N SER A 19 -1.68 -0.57 -4.21
CA SER A 19 -3.13 -0.58 -4.31
C SER A 19 -3.64 0.78 -4.79
N ASP A 20 -2.81 1.79 -4.58
CA ASP A 20 -3.15 3.14 -4.99
C ASP A 20 -2.81 3.33 -6.47
N VAL A 21 -1.66 2.79 -6.85
CA VAL A 21 -1.21 2.89 -8.22
C VAL A 21 -2.14 2.07 -9.12
N GLY A 22 -2.80 1.11 -8.51
CA GLY A 22 -3.72 0.25 -9.24
C GLY A 22 -4.55 1.05 -10.23
N LEU A 23 -5.30 2.01 -9.70
CA LEU A 23 -6.14 2.86 -10.53
C LEU A 23 -5.46 4.21 -10.72
N CYS A 24 -4.29 4.18 -11.33
CA CYS A 24 -3.53 5.40 -11.57
C CYS A 24 -2.19 5.00 -12.20
N LYS A 25 -2.27 4.44 -13.39
CA LYS A 25 -1.07 4.03 -14.11
C LYS A 25 -1.47 3.07 -15.24
N LYS A 26 -2.56 2.35 -15.01
CA LYS A 26 -3.05 1.40 -16.00
C LYS A 26 -3.29 2.13 -17.32
N ARG A 27 -3.49 3.43 -17.21
CA ARG A 27 -3.73 4.26 -18.38
C ARG A 27 -5.00 3.78 -19.11
N PRO A 28 -5.62 4.71 -19.87
CA PRO A 28 -6.81 4.40 -20.62
C PRO A 28 -6.48 3.56 -21.86
N LYS A 29 -7.54 3.16 -22.56
CA LYS A 29 -7.38 2.36 -23.77
C LYS A 29 -6.75 3.23 -24.87
N PRO A 30 -6.06 2.54 -25.82
CA PRO A 30 -5.41 3.23 -26.92
C PRO A 30 -6.45 3.70 -27.95
N MET A 1 2.17 7.09 15.43
CA MET A 1 1.35 6.03 15.95
C MET A 1 2.09 4.68 15.93
N VAL A 2 1.46 3.69 16.54
CA VAL A 2 2.05 2.36 16.60
C VAL A 2 3.37 2.44 17.37
N LYS A 3 4.46 2.41 16.61
CA LYS A 3 5.79 2.48 17.20
C LYS A 3 6.16 1.09 17.74
N SER A 4 6.51 0.21 16.81
CA SER A 4 6.90 -1.14 17.18
C SER A 4 6.78 -2.07 15.96
N LYS A 5 5.88 -1.69 15.07
CA LYS A 5 5.65 -2.47 13.86
C LYS A 5 6.05 -1.65 12.64
N ILE A 6 7.24 -1.05 12.73
CA ILE A 6 7.75 -0.24 11.64
C ILE A 6 7.92 -1.11 10.39
N GLY A 7 8.04 -2.40 10.62
CA GLY A 7 8.20 -3.35 9.54
C GLY A 7 6.84 -3.72 8.92
N SER A 8 5.91 -4.06 9.80
CA SER A 8 4.58 -4.43 9.36
C SER A 8 3.86 -3.23 8.75
N TRP A 9 4.38 -2.06 9.08
CA TRP A 9 3.80 -0.82 8.57
C TRP A 9 4.36 -0.58 7.17
N ILE A 10 5.68 -0.55 7.09
CA ILE A 10 6.36 -0.33 5.83
C ILE A 10 5.90 -1.38 4.82
N LEU A 11 5.36 -2.47 5.35
CA LEU A 11 4.86 -3.55 4.51
C LEU A 11 3.48 -3.18 3.97
N VAL A 12 2.61 -2.76 4.88
CA VAL A 12 1.27 -2.37 4.51
C VAL A 12 1.32 -1.15 3.61
N LEU A 13 2.49 -0.53 3.56
CA LEU A 13 2.68 0.66 2.75
C LEU A 13 2.87 0.24 1.29
N PHE A 14 3.88 -0.60 1.07
CA PHE A 14 4.16 -1.09 -0.27
C PHE A 14 2.90 -1.64 -0.94
N VAL A 15 2.09 -2.31 -0.13
CA VAL A 15 0.86 -2.89 -0.64
C VAL A 15 -0.21 -1.81 -0.74
N ALA A 16 -0.03 -0.76 0.06
CA ALA A 16 -0.97 0.35 0.07
C ALA A 16 -0.69 1.24 -1.14
N MET A 17 0.58 1.50 -1.38
CA MET A 17 0.99 2.33 -2.48
C MET A 17 0.66 1.67 -3.82
N TRP A 18 0.76 0.35 -3.84
CA TRP A 18 0.47 -0.41 -5.03
C TRP A 18 -1.05 -0.40 -5.26
N SER A 19 -1.77 -0.72 -4.21
CA SER A 19 -3.22 -0.74 -4.27
C SER A 19 -3.75 0.67 -4.53
N ASP A 20 -2.93 1.65 -4.21
CA ASP A 20 -3.31 3.04 -4.40
C ASP A 20 -3.37 3.34 -5.91
N VAL A 21 -2.32 2.93 -6.60
CA VAL A 21 -2.25 3.15 -8.03
C VAL A 21 -3.52 2.62 -8.69
N GLY A 22 -4.17 1.71 -8.00
CA GLY A 22 -5.41 1.13 -8.50
C GLY A 22 -6.48 2.20 -8.70
N LEU A 23 -6.74 2.94 -7.65
CA LEU A 23 -7.74 4.00 -7.70
C LEU A 23 -7.03 5.36 -7.73
N CYS A 24 -6.22 5.54 -8.77
CA CYS A 24 -5.49 6.79 -8.93
C CYS A 24 -5.70 7.30 -10.35
N LYS A 25 -6.22 8.51 -10.44
CA LYS A 25 -6.49 9.12 -11.73
C LYS A 25 -7.89 8.71 -12.22
N LYS A 26 -8.45 7.73 -11.51
CA LYS A 26 -9.78 7.25 -11.86
C LYS A 26 -10.83 8.24 -11.35
N ARG A 27 -11.46 7.87 -10.25
CA ARG A 27 -12.49 8.72 -9.66
C ARG A 27 -11.85 9.70 -8.67
N PRO A 28 -12.61 10.80 -8.40
CA PRO A 28 -12.13 11.82 -7.48
C PRO A 28 -12.26 11.34 -6.03
N LYS A 29 -11.12 10.96 -5.46
CA LYS A 29 -11.08 10.48 -4.09
C LYS A 29 -9.81 10.99 -3.42
N PRO A 30 -9.93 12.21 -2.84
CA PRO A 30 -8.79 12.83 -2.15
C PRO A 30 -8.56 12.16 -0.79
N MET A 1 4.39 3.47 21.15
CA MET A 1 5.62 3.71 20.42
C MET A 1 6.19 2.40 19.86
N VAL A 2 6.30 1.41 20.74
CA VAL A 2 6.82 0.11 20.36
C VAL A 2 8.27 0.26 19.90
N LYS A 3 8.46 0.26 18.59
CA LYS A 3 9.80 0.40 18.02
C LYS A 3 10.47 -0.98 17.98
N SER A 4 10.24 -1.68 16.88
CA SER A 4 10.82 -3.00 16.70
C SER A 4 10.03 -3.77 15.64
N LYS A 5 8.76 -3.41 15.50
CA LYS A 5 7.90 -4.05 14.53
C LYS A 5 7.30 -3.00 13.60
N ILE A 6 8.19 -2.33 12.87
CA ILE A 6 7.76 -1.30 11.94
C ILE A 6 7.75 -1.87 10.51
N GLY A 7 8.52 -2.94 10.33
CA GLY A 7 8.62 -3.58 9.03
C GLY A 7 7.23 -3.93 8.49
N SER A 8 6.32 -4.24 9.42
CA SER A 8 4.96 -4.59 9.05
C SER A 8 4.22 -3.35 8.57
N TRP A 9 4.72 -2.20 8.99
CA TRP A 9 4.10 -0.94 8.62
C TRP A 9 4.54 -0.59 7.20
N ILE A 10 5.86 -0.60 7.00
CA ILE A 10 6.42 -0.30 5.70
C ILE A 10 5.90 -1.31 4.67
N LEU A 11 5.35 -2.40 5.19
CA LEU A 11 4.81 -3.44 4.34
C LEU A 11 3.40 -3.05 3.89
N VAL A 12 2.56 -2.78 4.88
CA VAL A 12 1.19 -2.39 4.62
C VAL A 12 1.17 -1.16 3.70
N LEU A 13 2.31 -0.49 3.65
CA LEU A 13 2.44 0.69 2.82
C LEU A 13 2.77 0.27 1.38
N PHE A 14 3.72 -0.64 1.27
CA PHE A 14 4.14 -1.13 -0.03
C PHE A 14 2.96 -1.75 -0.78
N VAL A 15 2.02 -2.30 -0.01
CA VAL A 15 0.85 -2.91 -0.59
C VAL A 15 -0.26 -1.87 -0.73
N ALA A 16 -0.13 -0.82 0.06
CA ALA A 16 -1.11 0.26 0.03
C ALA A 16 -0.78 1.23 -1.11
N MET A 17 0.52 1.38 -1.34
CA MET A 17 0.98 2.27 -2.40
C MET A 17 0.71 1.67 -3.77
N TRP A 18 0.76 0.34 -3.83
CA TRP A 18 0.53 -0.36 -5.08
C TRP A 18 -0.98 -0.39 -5.33
N SER A 19 -1.73 -0.60 -4.26
CA SER A 19 -3.17 -0.65 -4.34
C SER A 19 -3.72 0.72 -4.78
N ASP A 20 -2.89 1.74 -4.57
CA ASP A 20 -3.28 3.09 -4.93
C ASP A 20 -2.98 3.32 -6.41
N VAL A 21 -1.83 2.82 -6.83
CA VAL A 21 -1.41 2.96 -8.22
C VAL A 21 -2.32 2.13 -9.12
N GLY A 22 -2.93 1.13 -8.51
CA GLY A 22 -3.83 0.24 -9.24
C GLY A 22 -4.82 1.05 -10.09
N LEU A 23 -5.10 2.26 -9.61
CA LEU A 23 -6.03 3.13 -10.32
C LEU A 23 -5.37 4.50 -10.52
N CYS A 24 -4.46 4.55 -11.48
CA CYS A 24 -3.76 5.78 -11.79
C CYS A 24 -2.68 5.47 -12.82
N LYS A 25 -2.09 4.30 -12.69
CA LYS A 25 -1.04 3.88 -13.62
C LYS A 25 -1.63 2.86 -14.60
N LYS A 26 -2.71 2.22 -14.18
CA LYS A 26 -3.36 1.22 -15.01
C LYS A 26 -4.41 1.92 -15.90
N ARG A 27 -5.66 1.77 -15.50
CA ARG A 27 -6.75 2.37 -16.24
C ARG A 27 -7.45 3.44 -15.39
N PRO A 28 -6.99 4.71 -15.56
CA PRO A 28 -7.57 5.82 -14.82
C PRO A 28 -8.95 6.20 -15.36
N LYS A 29 -9.46 7.31 -14.86
CA LYS A 29 -10.76 7.79 -15.30
C LYS A 29 -11.08 9.09 -14.57
N PRO A 30 -10.66 10.22 -15.20
CA PRO A 30 -10.91 11.53 -14.63
C PRO A 30 -12.37 11.95 -14.78
N MET A 1 14.16 -5.39 16.76
CA MET A 1 14.08 -3.95 16.94
C MET A 1 12.69 -3.53 17.41
N VAL A 2 12.56 -2.24 17.68
CA VAL A 2 11.28 -1.70 18.15
C VAL A 2 10.88 -2.38 19.45
N LYS A 3 9.93 -3.30 19.33
CA LYS A 3 9.45 -4.04 20.48
C LYS A 3 8.12 -4.70 20.13
N SER A 4 7.39 -4.06 19.24
CA SER A 4 6.09 -4.58 18.81
C SER A 4 6.21 -5.18 17.42
N LYS A 5 5.98 -4.35 16.42
CA LYS A 5 6.05 -4.80 15.03
C LYS A 5 5.49 -3.70 14.12
N ILE A 6 6.14 -2.54 14.17
CA ILE A 6 5.72 -1.42 13.35
C ILE A 6 6.19 -1.63 11.91
N GLY A 7 7.22 -2.45 11.78
CA GLY A 7 7.78 -2.75 10.47
C GLY A 7 6.69 -3.19 9.49
N SER A 8 5.60 -3.71 10.07
CA SER A 8 4.48 -4.17 9.27
C SER A 8 3.88 -3.01 8.49
N TRP A 9 4.18 -1.80 8.96
CA TRP A 9 3.67 -0.60 8.31
C TRP A 9 4.29 -0.51 6.92
N ILE A 10 5.60 -0.39 6.90
CA ILE A 10 6.33 -0.29 5.64
C ILE A 10 5.73 -1.29 4.64
N LEU A 11 5.50 -2.50 5.13
CA LEU A 11 4.94 -3.55 4.30
C LEU A 11 3.52 -3.16 3.87
N VAL A 12 2.70 -2.86 4.87
CA VAL A 12 1.32 -2.47 4.61
C VAL A 12 1.31 -1.24 3.70
N LEU A 13 2.46 -0.58 3.64
CA LEU A 13 2.59 0.61 2.82
C LEU A 13 2.88 0.20 1.38
N PHE A 14 3.82 -0.73 1.25
CA PHE A 14 4.21 -1.22 -0.07
C PHE A 14 3.02 -1.82 -0.80
N VAL A 15 2.09 -2.35 -0.03
CA VAL A 15 0.89 -2.95 -0.59
C VAL A 15 -0.21 -1.90 -0.70
N ALA A 16 -0.04 -0.84 0.08
CA ALA A 16 -1.01 0.25 0.08
C ALA A 16 -0.68 1.23 -1.06
N MET A 17 0.61 1.37 -1.31
CA MET A 17 1.07 2.26 -2.35
C MET A 17 0.74 1.70 -3.74
N TRP A 18 0.78 0.38 -3.83
CA TRP A 18 0.49 -0.29 -5.09
C TRP A 18 -1.04 -0.32 -5.26
N SER A 19 -1.73 -0.55 -4.15
CA SER A 19 -3.17 -0.61 -4.16
C SER A 19 -3.75 0.76 -4.53
N ASP A 20 -2.91 1.78 -4.38
CA ASP A 20 -3.33 3.14 -4.70
C ASP A 20 -3.16 3.38 -6.20
N VAL A 21 -2.04 2.91 -6.72
CA VAL A 21 -1.75 3.06 -8.14
C VAL A 21 -2.81 2.34 -8.96
N GLY A 22 -3.45 1.37 -8.32
CA GLY A 22 -4.49 0.59 -8.98
C GLY A 22 -5.62 1.50 -9.46
N LEU A 23 -6.15 2.29 -8.54
CA LEU A 23 -7.23 3.20 -8.86
C LEU A 23 -6.67 4.61 -9.07
N CYS A 24 -5.74 4.70 -10.01
CA CYS A 24 -5.12 5.98 -10.31
C CYS A 24 -5.24 6.23 -11.80
N LYS A 25 -6.26 7.00 -12.17
CA LYS A 25 -6.50 7.33 -13.56
C LYS A 25 -6.67 6.03 -14.36
N LYS A 26 -7.67 5.25 -13.95
CA LYS A 26 -7.95 3.99 -14.62
C LYS A 26 -6.63 3.26 -14.90
N ARG A 27 -6.20 2.48 -13.92
CA ARG A 27 -4.96 1.74 -14.06
C ARG A 27 -5.25 0.24 -14.07
N PRO A 28 -5.36 -0.32 -15.30
CA PRO A 28 -5.63 -1.73 -15.47
C PRO A 28 -4.40 -2.57 -15.17
N LYS A 29 -4.60 -3.88 -15.10
CA LYS A 29 -3.51 -4.79 -14.82
C LYS A 29 -2.96 -4.53 -13.41
N PRO A 30 -3.58 -5.23 -12.43
CA PRO A 30 -3.18 -5.08 -11.04
C PRO A 30 -1.86 -5.80 -10.77
N MET A 1 -3.87 -8.55 13.49
CA MET A 1 -3.00 -7.86 12.56
C MET A 1 -1.54 -7.95 13.00
N VAL A 2 -0.95 -9.12 12.78
CA VAL A 2 0.43 -9.34 13.15
C VAL A 2 0.57 -9.26 14.68
N LYS A 3 1.73 -9.70 15.16
CA LYS A 3 1.99 -9.68 16.58
C LYS A 3 3.37 -9.06 16.83
N SER A 4 3.45 -7.75 16.66
CA SER A 4 4.70 -7.03 16.86
C SER A 4 4.64 -5.68 16.15
N LYS A 5 3.84 -5.62 15.10
CA LYS A 5 3.68 -4.40 14.33
C LYS A 5 5.06 -3.78 14.09
N ILE A 6 5.83 -4.44 13.23
CA ILE A 6 7.16 -3.97 12.91
C ILE A 6 7.24 -3.67 11.41
N GLY A 7 7.88 -4.59 10.69
CA GLY A 7 8.03 -4.44 9.26
C GLY A 7 6.68 -4.45 8.56
N SER A 8 5.74 -5.17 9.17
CA SER A 8 4.40 -5.26 8.61
C SER A 8 3.89 -3.87 8.23
N TRP A 9 4.45 -2.87 8.88
CA TRP A 9 4.07 -1.50 8.61
C TRP A 9 4.54 -1.13 7.21
N ILE A 10 5.85 -0.99 7.08
CA ILE A 10 6.44 -0.64 5.80
C ILE A 10 5.73 -1.42 4.69
N LEU A 11 5.29 -2.61 5.05
CA LEU A 11 4.59 -3.47 4.09
C LEU A 11 3.24 -2.83 3.74
N VAL A 12 2.48 -2.53 4.77
CA VAL A 12 1.17 -1.93 4.59
C VAL A 12 1.29 -0.74 3.64
N LEU A 13 2.45 -0.09 3.69
CA LEU A 13 2.70 1.05 2.85
C LEU A 13 2.93 0.59 1.40
N PHE A 14 3.87 -0.32 1.25
CA PHE A 14 4.18 -0.86 -0.06
C PHE A 14 2.95 -1.50 -0.70
N VAL A 15 2.15 -2.13 0.13
CA VAL A 15 0.94 -2.80 -0.33
C VAL A 15 -0.18 -1.76 -0.44
N ALA A 16 0.09 -0.58 0.09
CA ALA A 16 -0.89 0.50 0.07
C ALA A 16 -0.68 1.34 -1.19
N MET A 17 0.58 1.57 -1.51
CA MET A 17 0.93 2.35 -2.68
C MET A 17 0.65 1.57 -3.96
N TRP A 18 0.76 0.26 -3.86
CA TRP A 18 0.52 -0.61 -5.00
C TRP A 18 -1.00 -0.66 -5.24
N SER A 19 -1.73 -0.87 -4.16
CA SER A 19 -3.18 -0.94 -4.24
C SER A 19 -3.74 0.40 -4.75
N ASP A 20 -2.95 1.44 -4.57
CA ASP A 20 -3.35 2.76 -5.00
C ASP A 20 -3.27 2.84 -6.53
N VAL A 21 -2.16 2.34 -7.06
CA VAL A 21 -1.95 2.36 -8.50
C VAL A 21 -3.12 1.66 -9.19
N GLY A 22 -3.80 0.82 -8.43
CA GLY A 22 -4.95 0.09 -8.96
C GLY A 22 -6.04 1.06 -9.41
N LEU A 23 -6.45 1.92 -8.50
CA LEU A 23 -7.48 2.89 -8.81
C LEU A 23 -7.00 4.29 -8.37
N CYS A 24 -6.09 4.83 -9.16
CA CYS A 24 -5.55 6.15 -8.87
C CYS A 24 -6.19 7.15 -9.83
N LYS A 25 -6.69 6.63 -10.94
CA LYS A 25 -7.33 7.46 -11.95
C LYS A 25 -8.37 6.63 -12.70
N LYS A 26 -9.17 5.91 -11.94
CA LYS A 26 -10.21 5.07 -12.52
C LYS A 26 -11.55 5.82 -12.47
N ARG A 27 -11.59 6.82 -11.61
CA ARG A 27 -12.80 7.61 -11.45
C ARG A 27 -13.35 8.02 -12.82
N PRO A 28 -12.46 8.64 -13.63
CA PRO A 28 -12.85 9.08 -14.97
C PRO A 28 -12.95 7.90 -15.92
N LYS A 29 -14.06 7.86 -16.65
CA LYS A 29 -14.31 6.79 -17.60
C LYS A 29 -15.24 7.30 -18.70
N PRO A 30 -15.15 6.65 -19.88
CA PRO A 30 -15.98 7.02 -21.02
C PRO A 30 -17.42 6.53 -20.82
N MET A 1 9.76 -12.04 13.93
CA MET A 1 8.71 -11.10 13.55
C MET A 1 9.23 -9.66 13.58
N VAL A 2 8.39 -8.76 13.11
CA VAL A 2 8.75 -7.34 13.08
C VAL A 2 9.49 -6.99 14.36
N LYS A 3 9.03 -7.57 15.46
CA LYS A 3 9.64 -7.33 16.76
C LYS A 3 9.63 -5.81 17.03
N SER A 4 8.47 -5.22 16.80
CA SER A 4 8.32 -3.79 17.02
C SER A 4 6.97 -3.31 16.47
N LYS A 5 6.55 -3.96 15.39
CA LYS A 5 5.28 -3.61 14.76
C LYS A 5 5.51 -2.48 13.76
N ILE A 6 6.70 -1.91 13.82
CA ILE A 6 7.06 -0.81 12.93
C ILE A 6 7.44 -1.37 11.56
N GLY A 7 7.85 -2.63 11.57
CA GLY A 7 8.25 -3.30 10.34
C GLY A 7 7.05 -3.99 9.68
N SER A 8 5.87 -3.64 10.16
CA SER A 8 4.65 -4.22 9.62
C SER A 8 3.87 -3.16 8.83
N TRP A 9 4.16 -1.90 9.15
CA TRP A 9 3.50 -0.79 8.47
C TRP A 9 4.20 -0.58 7.13
N ILE A 10 5.52 -0.56 7.18
CA ILE A 10 6.31 -0.37 5.98
C ILE A 10 5.87 -1.36 4.91
N LEU A 11 5.49 -2.54 5.36
CA LEU A 11 5.05 -3.59 4.46
C LEU A 11 3.64 -3.24 3.94
N VAL A 12 2.80 -2.81 4.85
CA VAL A 12 1.44 -2.44 4.50
C VAL A 12 1.47 -1.19 3.62
N LEU A 13 2.60 -0.53 3.63
CA LEU A 13 2.77 0.68 2.84
C LEU A 13 2.90 0.29 1.36
N PHE A 14 3.85 -0.60 1.10
CA PHE A 14 4.09 -1.06 -0.27
C PHE A 14 2.79 -1.57 -0.90
N VAL A 15 2.10 -2.41 -0.16
CA VAL A 15 0.85 -2.99 -0.64
C VAL A 15 -0.21 -1.89 -0.70
N ALA A 16 0.07 -0.79 -0.01
CA ALA A 16 -0.85 0.33 0.02
C ALA A 16 -0.55 1.26 -1.16
N MET A 17 0.72 1.34 -1.50
CA MET A 17 1.16 2.19 -2.60
C MET A 17 0.73 1.60 -3.94
N TRP A 18 0.72 0.27 -4.00
CA TRP A 18 0.33 -0.43 -5.21
C TRP A 18 -1.19 -0.35 -5.33
N SER A 19 -1.86 -0.71 -4.24
CA SER A 19 -3.31 -0.70 -4.22
C SER A 19 -3.82 0.71 -4.51
N ASP A 20 -2.92 1.68 -4.38
CA ASP A 20 -3.26 3.07 -4.64
C ASP A 20 -3.16 3.35 -6.14
N VAL A 21 -2.12 2.78 -6.75
CA VAL A 21 -1.91 2.97 -8.17
C VAL A 21 -3.06 2.32 -8.95
N GLY A 22 -3.70 1.37 -8.30
CA GLY A 22 -4.82 0.66 -8.91
C GLY A 22 -4.56 0.43 -10.41
N LEU A 23 -3.36 -0.06 -10.69
CA LEU A 23 -2.98 -0.34 -12.06
C LEU A 23 -3.46 0.81 -12.97
N CYS A 24 -2.97 2.00 -12.65
CA CYS A 24 -3.34 3.18 -13.42
C CYS A 24 -2.24 3.44 -14.46
N LYS A 25 -1.38 4.39 -14.14
CA LYS A 25 -0.29 4.74 -15.03
C LYS A 25 0.81 3.67 -14.93
N LYS A 26 0.42 2.44 -15.20
CA LYS A 26 1.35 1.33 -15.14
C LYS A 26 2.02 1.16 -16.51
N ARG A 27 1.34 1.66 -17.53
CA ARG A 27 1.86 1.57 -18.89
C ARG A 27 2.22 0.12 -19.22
N PRO A 28 1.17 -0.67 -19.55
CA PRO A 28 1.35 -2.07 -19.89
C PRO A 28 1.94 -2.21 -21.30
N LYS A 29 2.81 -3.19 -21.44
CA LYS A 29 3.46 -3.45 -22.73
C LYS A 29 3.42 -4.94 -23.02
N PRO A 30 3.70 -5.28 -24.31
CA PRO A 30 3.71 -6.68 -24.73
C PRO A 30 4.96 -7.40 -24.23
N MET A 1 9.34 6.34 17.62
CA MET A 1 9.14 6.06 16.21
C MET A 1 7.99 5.07 16.01
N VAL A 2 8.20 3.85 16.46
CA VAL A 2 7.19 2.82 16.34
C VAL A 2 7.04 2.10 17.67
N LYS A 3 5.98 1.30 17.77
CA LYS A 3 5.71 0.55 18.99
C LYS A 3 5.99 -0.93 18.74
N SER A 4 6.10 -1.28 17.48
CA SER A 4 6.36 -2.66 17.09
C SER A 4 5.96 -2.89 15.63
N LYS A 5 5.00 -2.09 15.19
CA LYS A 5 4.51 -2.19 13.82
C LYS A 5 5.46 -1.43 12.89
N ILE A 6 6.73 -1.78 12.98
CA ILE A 6 7.74 -1.13 12.15
C ILE A 6 7.61 -1.63 10.72
N GLY A 7 8.50 -2.54 10.35
CA GLY A 7 8.50 -3.10 9.02
C GLY A 7 7.09 -3.56 8.62
N SER A 8 6.34 -4.01 9.62
CA SER A 8 4.98 -4.47 9.39
C SER A 8 4.12 -3.33 8.83
N TRP A 9 4.56 -2.11 9.10
CA TRP A 9 3.85 -0.93 8.63
C TRP A 9 4.36 -0.60 7.23
N ILE A 10 5.67 -0.72 7.06
CA ILE A 10 6.28 -0.44 5.77
C ILE A 10 5.71 -1.40 4.72
N LEU A 11 5.36 -2.59 5.18
CA LEU A 11 4.80 -3.60 4.30
C LEU A 11 3.42 -3.15 3.82
N VAL A 12 2.58 -2.79 4.79
CA VAL A 12 1.23 -2.34 4.49
C VAL A 12 1.30 -1.10 3.59
N LEU A 13 2.47 -0.47 3.60
CA LEU A 13 2.67 0.73 2.80
C LEU A 13 2.90 0.32 1.34
N PHE A 14 3.89 -0.55 1.15
CA PHE A 14 4.22 -1.02 -0.18
C PHE A 14 2.99 -1.60 -0.88
N VAL A 15 2.16 -2.26 -0.09
CA VAL A 15 0.94 -2.86 -0.63
C VAL A 15 -0.15 -1.79 -0.73
N ALA A 16 0.00 -0.76 0.09
CA ALA A 16 -0.96 0.33 0.08
C ALA A 16 -0.66 1.26 -1.09
N MET A 17 0.63 1.40 -1.39
CA MET A 17 1.05 2.26 -2.48
C MET A 17 0.70 1.64 -3.84
N TRP A 18 0.76 0.31 -3.88
CA TRP A 18 0.45 -0.41 -5.11
C TRP A 18 -1.08 -0.52 -5.21
N SER A 19 -1.72 -0.44 -4.06
CA SER A 19 -3.17 -0.54 -4.00
C SER A 19 -3.80 0.68 -4.69
N ASP A 20 -3.02 1.74 -4.77
CA ASP A 20 -3.48 2.97 -5.40
C ASP A 20 -2.99 3.02 -6.84
N VAL A 21 -1.80 2.48 -7.04
CA VAL A 21 -1.21 2.46 -8.37
C VAL A 21 -2.02 1.52 -9.27
N GLY A 22 -2.74 0.62 -8.63
CA GLY A 22 -3.56 -0.34 -9.36
C GLY A 22 -4.29 0.34 -10.52
N LEU A 23 -5.42 0.96 -10.20
CA LEU A 23 -6.22 1.64 -11.19
C LEU A 23 -5.30 2.46 -12.10
N CYS A 24 -4.20 2.92 -11.51
CA CYS A 24 -3.23 3.71 -12.26
C CYS A 24 -2.26 2.76 -12.96
N LYS A 25 -2.78 2.12 -14.02
CA LYS A 25 -1.98 1.19 -14.79
C LYS A 25 -2.85 0.57 -15.88
N LYS A 26 -4.11 0.34 -15.53
CA LYS A 26 -5.05 -0.25 -16.47
C LYS A 26 -5.36 0.75 -17.58
N ARG A 27 -6.53 1.36 -17.49
CA ARG A 27 -6.96 2.34 -18.47
C ARG A 27 -5.78 3.22 -18.88
N PRO A 28 -5.89 3.80 -20.11
CA PRO A 28 -4.84 4.66 -20.62
C PRO A 28 -4.88 6.04 -19.95
N LYS A 29 -3.70 6.54 -19.63
CA LYS A 29 -3.59 7.83 -18.99
C LYS A 29 -3.18 8.89 -20.02
N PRO A 30 -3.52 10.16 -19.70
CA PRO A 30 -3.19 11.26 -20.60
C PRO A 30 -1.70 11.60 -20.53
N MET A 1 -2.27 -0.74 10.88
CA MET A 1 -1.26 0.21 11.27
C MET A 1 -1.22 0.40 12.79
N VAL A 2 -0.05 0.17 13.35
CA VAL A 2 0.14 0.30 14.79
C VAL A 2 1.35 1.20 15.07
N LYS A 3 1.76 1.20 16.33
CA LYS A 3 2.90 2.00 16.74
C LYS A 3 3.92 1.11 17.44
N SER A 4 4.62 0.32 16.64
CA SER A 4 5.63 -0.58 17.18
C SER A 4 6.02 -1.61 16.12
N LYS A 5 5.07 -1.92 15.25
CA LYS A 5 5.30 -2.89 14.19
C LYS A 5 5.60 -2.14 12.89
N ILE A 6 6.60 -1.27 12.95
CA ILE A 6 6.99 -0.49 11.80
C ILE A 6 7.20 -1.43 10.60
N GLY A 7 7.46 -2.69 10.92
CA GLY A 7 7.66 -3.69 9.89
C GLY A 7 6.41 -3.88 9.04
N SER A 8 5.33 -4.21 9.71
CA SER A 8 4.05 -4.42 9.03
C SER A 8 3.56 -3.10 8.43
N TRP A 9 4.13 -2.01 8.92
CA TRP A 9 3.75 -0.69 8.44
C TRP A 9 4.31 -0.53 7.03
N ILE A 10 5.62 -0.41 6.95
CA ILE A 10 6.29 -0.24 5.67
C ILE A 10 5.74 -1.27 4.68
N LEU A 11 5.48 -2.46 5.20
CA LEU A 11 4.95 -3.53 4.37
C LEU A 11 3.54 -3.17 3.91
N VAL A 12 2.71 -2.81 4.88
CA VAL A 12 1.33 -2.45 4.59
C VAL A 12 1.32 -1.21 3.68
N LEU A 13 2.48 -0.56 3.62
CA LEU A 13 2.61 0.63 2.79
C LEU A 13 2.88 0.21 1.34
N PHE A 14 3.84 -0.69 1.20
CA PHE A 14 4.21 -1.18 -0.12
C PHE A 14 3.00 -1.76 -0.85
N VAL A 15 2.09 -2.33 -0.07
CA VAL A 15 0.89 -2.92 -0.62
C VAL A 15 -0.20 -1.86 -0.74
N ALA A 16 -0.05 -0.82 0.08
CA ALA A 16 -1.01 0.27 0.08
C ALA A 16 -0.69 1.22 -1.08
N MET A 17 0.60 1.36 -1.35
CA MET A 17 1.05 2.24 -2.42
C MET A 17 0.69 1.65 -3.79
N TRP A 18 0.80 0.33 -3.87
CA TRP A 18 0.49 -0.35 -5.12
C TRP A 18 -1.03 -0.38 -5.28
N SER A 19 -1.72 -0.55 -4.16
CA SER A 19 -3.17 -0.59 -4.16
C SER A 19 -3.74 0.81 -4.41
N ASP A 20 -2.91 1.80 -4.12
CA ASP A 20 -3.31 3.19 -4.31
C ASP A 20 -3.41 3.48 -5.81
N VAL A 21 -2.37 3.10 -6.52
CA VAL A 21 -2.32 3.33 -7.96
C VAL A 21 -3.59 2.76 -8.60
N GLY A 22 -4.19 1.81 -7.90
CA GLY A 22 -5.41 1.17 -8.38
C GLY A 22 -6.36 2.20 -9.00
N LEU A 23 -6.40 3.37 -8.36
CA LEU A 23 -7.25 4.45 -8.84
C LEU A 23 -7.20 4.50 -10.37
N CYS A 24 -5.98 4.48 -10.89
CA CYS A 24 -5.78 4.52 -12.32
C CYS A 24 -6.62 5.66 -12.89
N LYS A 25 -6.04 6.85 -12.87
CA LYS A 25 -6.72 8.04 -13.38
C LYS A 25 -7.50 8.69 -12.24
N LYS A 26 -8.06 7.86 -11.38
CA LYS A 26 -8.84 8.34 -10.25
C LYS A 26 -9.63 7.19 -9.65
N ARG A 27 -10.01 6.25 -10.52
CA ARG A 27 -10.77 5.10 -10.07
C ARG A 27 -10.78 4.02 -11.16
N PRO A 28 -10.86 2.74 -10.71
CA PRO A 28 -10.87 1.62 -11.63
C PRO A 28 -12.23 1.50 -12.32
N LYS A 29 -12.21 1.74 -13.62
CA LYS A 29 -13.44 1.66 -14.42
C LYS A 29 -13.75 0.19 -14.69
N PRO A 30 -12.77 -0.50 -15.31
CA PRO A 30 -12.94 -1.92 -15.64
C PRO A 30 -12.82 -2.78 -14.38
N MET A 1 11.24 0.46 9.38
CA MET A 1 12.31 -0.50 9.20
C MET A 1 12.94 -0.90 10.54
N VAL A 2 12.41 -1.98 11.11
CA VAL A 2 12.91 -2.46 12.38
C VAL A 2 12.60 -3.96 12.50
N LYS A 3 12.47 -4.40 13.75
CA LYS A 3 12.18 -5.79 14.02
C LYS A 3 11.48 -5.91 15.38
N SER A 4 10.18 -5.65 15.38
CA SER A 4 9.40 -5.72 16.60
C SER A 4 7.91 -5.65 16.27
N LYS A 5 7.59 -4.76 15.33
CA LYS A 5 6.21 -4.59 14.92
C LYS A 5 6.08 -3.27 14.14
N ILE A 6 6.93 -2.33 14.49
CA ILE A 6 6.92 -1.03 13.83
C ILE A 6 7.37 -1.19 12.39
N GLY A 7 8.10 -2.27 12.14
CA GLY A 7 8.60 -2.56 10.80
C GLY A 7 7.63 -3.47 10.05
N SER A 8 6.37 -3.37 10.42
CA SER A 8 5.34 -4.17 9.78
C SER A 8 4.41 -3.28 8.95
N TRP A 9 4.41 -2.00 9.29
CA TRP A 9 3.58 -1.04 8.59
C TRP A 9 4.25 -0.72 7.25
N ILE A 10 5.58 -0.83 7.25
CA ILE A 10 6.35 -0.55 6.05
C ILE A 10 5.88 -1.48 4.93
N LEU A 11 5.38 -2.64 5.33
CA LEU A 11 4.89 -3.62 4.37
C LEU A 11 3.50 -3.21 3.88
N VAL A 12 2.69 -2.74 4.83
CA VAL A 12 1.35 -2.32 4.52
C VAL A 12 1.40 -1.06 3.64
N LEU A 13 2.59 -0.48 3.57
CA LEU A 13 2.79 0.72 2.79
C LEU A 13 2.98 0.34 1.31
N PHE A 14 3.94 -0.53 1.08
CA PHE A 14 4.23 -0.99 -0.27
C PHE A 14 2.97 -1.54 -0.94
N VAL A 15 2.13 -2.18 -0.13
CA VAL A 15 0.90 -2.75 -0.64
C VAL A 15 -0.15 -1.65 -0.76
N ALA A 16 0.01 -0.62 0.06
CA ALA A 16 -0.92 0.49 0.06
C ALA A 16 -0.68 1.34 -1.20
N MET A 17 0.59 1.52 -1.52
CA MET A 17 0.96 2.31 -2.68
C MET A 17 0.55 1.60 -3.98
N TRP A 18 0.74 0.28 -3.98
CA TRP A 18 0.40 -0.52 -5.15
C TRP A 18 -1.13 -0.52 -5.28
N SER A 19 -1.79 -0.75 -4.15
CA SER A 19 -3.24 -0.79 -4.13
C SER A 19 -3.81 0.58 -4.52
N ASP A 20 -2.98 1.60 -4.34
CA ASP A 20 -3.37 2.96 -4.68
C ASP A 20 -3.47 3.10 -6.20
N VAL A 21 -2.43 2.61 -6.86
CA VAL A 21 -2.38 2.68 -8.32
C VAL A 21 -3.64 2.03 -8.90
N GLY A 22 -4.24 1.17 -8.10
CA GLY A 22 -5.45 0.47 -8.52
C GLY A 22 -6.48 1.46 -9.08
N LEU A 23 -6.82 2.44 -8.25
CA LEU A 23 -7.79 3.45 -8.65
C LEU A 23 -7.38 4.80 -8.05
N CYS A 24 -6.45 5.45 -8.73
CA CYS A 24 -5.96 6.74 -8.28
C CYS A 24 -6.74 7.82 -9.02
N LYS A 25 -7.29 7.44 -10.16
CA LYS A 25 -8.06 8.37 -10.98
C LYS A 25 -9.15 9.02 -10.11
N LYS A 26 -9.47 8.34 -9.03
CA LYS A 26 -10.48 8.85 -8.11
C LYS A 26 -10.16 10.31 -7.75
N ARG A 27 -8.90 10.65 -7.90
CA ARG A 27 -8.45 12.00 -7.60
C ARG A 27 -7.40 12.46 -8.62
N PRO A 28 -7.29 13.81 -8.76
CA PRO A 28 -6.34 14.39 -9.70
C PRO A 28 -4.90 14.28 -9.17
N LYS A 29 -4.42 13.05 -9.10
CA LYS A 29 -3.08 12.79 -8.61
C LYS A 29 -2.99 13.19 -7.13
N PRO A 30 -1.95 12.65 -6.44
CA PRO A 30 -1.75 12.95 -5.05
C PRO A 30 -1.17 14.35 -4.86
N MET A 1 -1.09 0.54 16.71
CA MET A 1 0.04 1.43 16.92
C MET A 1 1.13 0.76 17.75
N VAL A 2 1.44 -0.47 17.36
CA VAL A 2 2.46 -1.23 18.07
C VAL A 2 3.63 -0.32 18.42
N LYS A 3 4.06 0.46 17.43
CA LYS A 3 5.16 1.38 17.62
C LYS A 3 6.43 0.59 17.93
N SER A 4 6.96 -0.04 16.90
CA SER A 4 8.18 -0.83 17.05
C SER A 4 8.30 -1.82 15.89
N LYS A 5 7.15 -2.18 15.34
CA LYS A 5 7.12 -3.12 14.23
C LYS A 5 6.86 -2.35 12.93
N ILE A 6 7.66 -1.32 12.71
CA ILE A 6 7.52 -0.50 11.52
C ILE A 6 7.61 -1.39 10.28
N GLY A 7 8.26 -2.54 10.46
CA GLY A 7 8.42 -3.49 9.37
C GLY A 7 7.06 -3.96 8.84
N SER A 8 6.10 -4.00 9.75
CA SER A 8 4.76 -4.43 9.39
C SER A 8 3.98 -3.25 8.78
N TRP A 9 4.43 -2.05 9.10
CA TRP A 9 3.79 -0.85 8.60
C TRP A 9 4.32 -0.59 7.19
N ILE A 10 5.64 -0.60 7.08
CA ILE A 10 6.29 -0.37 5.81
C ILE A 10 5.76 -1.37 4.77
N LEU A 11 5.37 -2.53 5.27
CA LEU A 11 4.83 -3.57 4.41
C LEU A 11 3.45 -3.16 3.90
N VAL A 12 2.60 -2.79 4.84
CA VAL A 12 1.25 -2.36 4.51
C VAL A 12 1.31 -1.12 3.61
N LEU A 13 2.49 -0.51 3.58
CA LEU A 13 2.69 0.67 2.77
C LEU A 13 2.91 0.26 1.31
N PHE A 14 3.89 -0.61 1.13
CA PHE A 14 4.22 -1.09 -0.20
C PHE A 14 2.98 -1.67 -0.90
N VAL A 15 2.14 -2.30 -0.10
CA VAL A 15 0.92 -2.89 -0.62
C VAL A 15 -0.15 -1.81 -0.76
N ALA A 16 -0.01 -0.77 0.05
CA ALA A 16 -0.96 0.33 0.02
C ALA A 16 -0.64 1.24 -1.17
N MET A 17 0.65 1.43 -1.41
CA MET A 17 1.10 2.27 -2.50
C MET A 17 0.70 1.66 -3.85
N TRP A 18 0.77 0.35 -3.92
CA TRP A 18 0.42 -0.36 -5.14
C TRP A 18 -1.11 -0.39 -5.24
N SER A 19 -1.74 -0.65 -4.11
CA SER A 19 -3.19 -0.71 -4.07
C SER A 19 -3.79 0.64 -4.51
N ASP A 20 -2.94 1.66 -4.46
CA ASP A 20 -3.37 2.99 -4.86
C ASP A 20 -3.13 3.18 -6.35
N VAL A 21 -2.02 2.62 -6.82
CA VAL A 21 -1.67 2.73 -8.22
C VAL A 21 -2.60 1.83 -9.04
N GLY A 22 -3.15 0.83 -8.37
CA GLY A 22 -4.06 -0.11 -9.01
C GLY A 22 -5.51 0.21 -8.66
N LEU A 23 -5.81 1.51 -8.62
CA LEU A 23 -7.16 1.96 -8.31
C LEU A 23 -7.48 3.19 -9.15
N CYS A 24 -6.57 4.15 -9.12
CA CYS A 24 -6.76 5.39 -9.87
C CYS A 24 -5.69 5.44 -10.97
N LYS A 25 -5.86 4.56 -11.95
CA LYS A 25 -4.92 4.50 -13.06
C LYS A 25 -5.12 3.18 -13.80
N LYS A 26 -5.53 2.16 -13.06
CA LYS A 26 -5.76 0.85 -13.64
C LYS A 26 -7.27 0.61 -13.76
N ARG A 27 -7.93 1.54 -14.41
CA ARG A 27 -9.38 1.44 -14.61
C ARG A 27 -9.71 0.25 -15.50
N PRO A 28 -9.04 0.21 -16.69
CA PRO A 28 -9.26 -0.86 -17.63
C PRO A 28 -8.57 -2.15 -17.17
N LYS A 29 -7.31 -1.99 -16.78
CA LYS A 29 -6.53 -3.13 -16.31
C LYS A 29 -6.26 -4.07 -17.49
N PRO A 30 -5.13 -3.81 -18.20
CA PRO A 30 -4.76 -4.63 -19.33
C PRO A 30 -4.20 -5.98 -18.88
N MET A 1 -3.29 4.96 13.61
CA MET A 1 -2.25 4.53 12.70
C MET A 1 -1.59 3.24 13.19
N VAL A 2 -0.75 2.67 12.32
CA VAL A 2 -0.06 1.44 12.65
C VAL A 2 0.50 1.54 14.07
N LYS A 3 1.74 1.97 14.16
CA LYS A 3 2.40 2.11 15.44
C LYS A 3 2.23 0.81 16.24
N SER A 4 3.19 -0.09 16.06
CA SER A 4 3.16 -1.37 16.75
C SER A 4 4.05 -2.38 16.02
N LYS A 5 4.20 -2.15 14.72
CA LYS A 5 5.02 -3.03 13.89
C LYS A 5 5.65 -2.23 12.76
N ILE A 6 6.79 -1.65 13.05
CA ILE A 6 7.51 -0.84 12.08
C ILE A 6 7.42 -1.53 10.71
N GLY A 7 8.30 -2.51 10.50
CA GLY A 7 8.32 -3.24 9.25
C GLY A 7 6.91 -3.52 8.75
N SER A 8 6.19 -4.32 9.54
CA SER A 8 4.82 -4.68 9.19
C SER A 8 4.09 -3.46 8.62
N TRP A 9 4.50 -2.29 9.09
CA TRP A 9 3.89 -1.05 8.65
C TRP A 9 4.39 -0.77 7.23
N ILE A 10 5.70 -0.75 7.09
CA ILE A 10 6.32 -0.50 5.79
C ILE A 10 5.68 -1.40 4.74
N LEU A 11 5.44 -2.65 5.14
CA LEU A 11 4.83 -3.62 4.24
C LEU A 11 3.44 -3.11 3.83
N VAL A 12 2.65 -2.78 4.82
CA VAL A 12 1.30 -2.30 4.58
C VAL A 12 1.37 -1.02 3.72
N LEU A 13 2.54 -0.41 3.73
CA LEU A 13 2.75 0.81 2.97
C LEU A 13 2.93 0.45 1.49
N PHE A 14 3.86 -0.45 1.23
CA PHE A 14 4.12 -0.90 -0.12
C PHE A 14 2.87 -1.48 -0.77
N VAL A 15 2.16 -2.27 0.01
CA VAL A 15 0.93 -2.89 -0.47
C VAL A 15 -0.15 -1.83 -0.64
N ALA A 16 0.08 -0.69 0.02
CA ALA A 16 -0.88 0.40 -0.05
C ALA A 16 -0.58 1.25 -1.29
N MET A 17 0.70 1.45 -1.54
CA MET A 17 1.12 2.23 -2.69
C MET A 17 0.69 1.56 -4.00
N TRP A 18 0.76 0.23 -4.00
CA TRP A 18 0.39 -0.54 -5.18
C TRP A 18 -1.14 -0.47 -5.31
N SER A 19 -1.81 -0.80 -4.22
CA SER A 19 -3.26 -0.79 -4.21
C SER A 19 -3.78 0.59 -4.62
N ASP A 20 -2.91 1.59 -4.46
CA ASP A 20 -3.27 2.95 -4.81
C ASP A 20 -3.20 3.11 -6.33
N VAL A 21 -2.13 2.56 -6.90
CA VAL A 21 -1.93 2.65 -8.34
C VAL A 21 -3.06 1.90 -9.05
N GLY A 22 -3.65 0.97 -8.33
CA GLY A 22 -4.75 0.18 -8.87
C GLY A 22 -6.09 0.67 -8.35
N LEU A 23 -6.25 1.99 -8.35
CA LEU A 23 -7.48 2.59 -7.88
C LEU A 23 -7.67 3.95 -8.56
N CYS A 24 -6.59 4.73 -8.57
CA CYS A 24 -6.63 6.04 -9.17
C CYS A 24 -6.75 5.87 -10.69
N LYS A 25 -6.35 4.69 -11.15
CA LYS A 25 -6.41 4.38 -12.57
C LYS A 25 -7.34 3.18 -12.79
N LYS A 26 -8.47 3.21 -12.11
CA LYS A 26 -9.44 2.13 -12.22
C LYS A 26 -10.81 2.73 -12.52
N ARG A 27 -11.65 2.76 -11.49
CA ARG A 27 -12.99 3.30 -11.63
C ARG A 27 -12.99 4.52 -12.56
N PRO A 28 -13.36 4.27 -13.84
CA PRO A 28 -13.40 5.34 -14.82
C PRO A 28 -14.61 6.25 -14.60
N LYS A 29 -14.37 7.54 -14.70
CA LYS A 29 -15.43 8.52 -14.52
C LYS A 29 -16.41 8.42 -15.68
N PRO A 30 -15.85 8.50 -16.92
CA PRO A 30 -16.68 8.42 -18.12
C PRO A 30 -17.12 6.98 -18.38
N MET A 1 0.17 4.21 20.78
CA MET A 1 -0.02 4.61 19.39
C MET A 1 0.54 3.54 18.44
N VAL A 2 1.84 3.35 18.51
CA VAL A 2 2.51 2.37 17.67
C VAL A 2 3.34 1.44 18.55
N LYS A 3 3.69 0.29 17.97
CA LYS A 3 4.47 -0.70 18.68
C LYS A 3 4.44 -2.03 17.91
N SER A 4 3.31 -2.26 17.24
CA SER A 4 3.14 -3.47 16.48
C SER A 4 3.15 -3.15 14.98
N LYS A 5 2.87 -1.88 14.68
CA LYS A 5 2.83 -1.44 13.30
C LYS A 5 4.24 -0.98 12.88
N ILE A 6 5.20 -1.86 13.09
CA ILE A 6 6.57 -1.56 12.75
C ILE A 6 6.84 -2.00 11.31
N GLY A 7 7.53 -3.13 11.19
CA GLY A 7 7.85 -3.67 9.88
C GLY A 7 6.58 -4.03 9.09
N SER A 8 5.52 -4.31 9.84
CA SER A 8 4.25 -4.66 9.24
C SER A 8 3.61 -3.41 8.62
N TRP A 9 4.07 -2.26 9.08
CA TRP A 9 3.55 -1.00 8.58
C TRP A 9 4.24 -0.69 7.24
N ILE A 10 5.56 -0.72 7.29
CA ILE A 10 6.35 -0.46 6.09
C ILE A 10 5.91 -1.41 4.98
N LEU A 11 5.38 -2.55 5.38
CA LEU A 11 4.92 -3.54 4.43
C LEU A 11 3.54 -3.14 3.91
N VAL A 12 2.68 -2.75 4.84
CA VAL A 12 1.33 -2.33 4.49
C VAL A 12 1.39 -1.09 3.59
N LEU A 13 2.57 -0.48 3.58
CA LEU A 13 2.77 0.73 2.78
C LEU A 13 2.97 0.32 1.32
N PHE A 14 3.97 -0.52 1.10
CA PHE A 14 4.27 -1.00 -0.24
C PHE A 14 3.01 -1.55 -0.93
N VAL A 15 2.20 -2.23 -0.14
CA VAL A 15 0.98 -2.81 -0.66
C VAL A 15 -0.10 -1.72 -0.76
N ALA A 16 0.07 -0.70 0.07
CA ALA A 16 -0.87 0.41 0.09
C ALA A 16 -0.69 1.24 -1.19
N MET A 17 0.56 1.40 -1.58
CA MET A 17 0.89 2.18 -2.76
C MET A 17 0.39 1.47 -4.02
N TRP A 18 0.81 0.23 -4.18
CA TRP A 18 0.42 -0.56 -5.33
C TRP A 18 -1.11 -0.62 -5.36
N SER A 19 -1.70 -0.40 -4.19
CA SER A 19 -3.15 -0.42 -4.07
C SER A 19 -3.72 0.98 -4.29
N ASP A 20 -2.89 1.97 -4.02
CA ASP A 20 -3.29 3.36 -4.18
C ASP A 20 -3.25 3.73 -5.66
N VAL A 21 -2.17 3.31 -6.31
CA VAL A 21 -2.01 3.59 -7.72
C VAL A 21 -3.17 3.00 -8.51
N GLY A 22 -3.57 1.81 -8.10
CA GLY A 22 -4.67 1.12 -8.75
C GLY A 22 -6.01 1.50 -8.10
N LEU A 23 -6.15 2.80 -7.84
CA LEU A 23 -7.37 3.31 -7.23
C LEU A 23 -7.64 4.72 -7.74
N CYS A 24 -6.70 5.61 -7.46
CA CYS A 24 -6.83 6.99 -7.88
C CYS A 24 -7.13 7.00 -9.38
N LYS A 25 -8.37 7.36 -9.70
CA LYS A 25 -8.79 7.42 -11.08
C LYS A 25 -8.84 6.00 -11.66
N LYS A 26 -9.38 5.10 -10.86
CA LYS A 26 -9.49 3.71 -11.28
C LYS A 26 -10.94 3.43 -11.72
N ARG A 27 -11.82 4.33 -11.33
CA ARG A 27 -13.23 4.19 -11.68
C ARG A 27 -13.43 4.38 -13.19
N PRO A 28 -14.54 3.78 -13.69
CA PRO A 28 -14.85 3.87 -15.11
C PRO A 28 -15.39 5.25 -15.47
N LYS A 29 -14.65 5.95 -16.31
CA LYS A 29 -15.03 7.28 -16.74
C LYS A 29 -15.15 8.19 -15.51
N PRO A 30 -15.10 9.52 -15.78
CA PRO A 30 -15.19 10.50 -14.71
C PRO A 30 -16.64 10.63 -14.21
N MET A 1 4.58 -13.27 17.25
CA MET A 1 4.22 -12.60 18.48
C MET A 1 4.95 -11.26 18.61
N VAL A 2 4.37 -10.24 18.02
CA VAL A 2 4.96 -8.91 18.07
C VAL A 2 4.02 -7.97 18.82
N LYS A 3 4.53 -6.78 19.10
CA LYS A 3 3.74 -5.78 19.81
C LYS A 3 2.83 -5.05 18.83
N SER A 4 3.23 -3.84 18.47
CA SER A 4 2.46 -3.04 17.54
C SER A 4 2.87 -3.36 16.11
N LYS A 5 4.07 -3.92 15.98
CA LYS A 5 4.59 -4.28 14.67
C LYS A 5 4.64 -3.03 13.78
N ILE A 6 5.63 -2.20 14.05
CA ILE A 6 5.80 -0.97 13.28
C ILE A 6 6.14 -1.32 11.83
N GLY A 7 7.20 -2.08 11.67
CA GLY A 7 7.65 -2.50 10.35
C GLY A 7 6.47 -2.98 9.51
N SER A 8 5.50 -3.57 10.19
CA SER A 8 4.31 -4.08 9.52
C SER A 8 3.68 -2.98 8.67
N TRP A 9 4.00 -1.74 9.03
CA TRP A 9 3.47 -0.59 8.32
C TRP A 9 4.18 -0.49 6.96
N ILE A 10 5.51 -0.52 7.03
CA ILE A 10 6.31 -0.44 5.82
C ILE A 10 5.76 -1.43 4.78
N LEU A 11 5.44 -2.61 5.25
CA LEU A 11 4.89 -3.65 4.37
C LEU A 11 3.51 -3.23 3.89
N VAL A 12 2.69 -2.81 4.85
CA VAL A 12 1.33 -2.38 4.54
C VAL A 12 1.39 -1.15 3.63
N LEU A 13 2.55 -0.51 3.62
CA LEU A 13 2.75 0.68 2.81
C LEU A 13 2.98 0.27 1.36
N PHE A 14 3.97 -0.60 1.17
CA PHE A 14 4.30 -1.08 -0.16
C PHE A 14 3.07 -1.67 -0.86
N VAL A 15 2.25 -2.33 -0.05
CA VAL A 15 1.04 -2.94 -0.58
C VAL A 15 -0.06 -1.88 -0.70
N ALA A 16 0.08 -0.84 0.11
CA ALA A 16 -0.89 0.24 0.09
C ALA A 16 -0.60 1.17 -1.08
N MET A 17 0.69 1.30 -1.38
CA MET A 17 1.12 2.16 -2.49
C MET A 17 0.63 1.61 -3.82
N TRP A 18 0.75 0.30 -3.97
CA TRP A 18 0.32 -0.37 -5.20
C TRP A 18 -1.20 -0.28 -5.28
N SER A 19 -1.83 -0.67 -4.18
CA SER A 19 -3.28 -0.65 -4.11
C SER A 19 -3.81 0.75 -4.45
N ASP A 20 -2.93 1.72 -4.30
CA ASP A 20 -3.28 3.10 -4.60
C ASP A 20 -3.11 3.36 -6.10
N VAL A 21 -2.03 2.81 -6.64
CA VAL A 21 -1.74 2.96 -8.05
C VAL A 21 -2.78 2.20 -8.88
N GLY A 22 -3.37 1.20 -8.24
CA GLY A 22 -4.38 0.39 -8.90
C GLY A 22 -5.78 0.77 -8.44
N LEU A 23 -6.05 2.07 -8.48
CA LEU A 23 -7.35 2.58 -8.06
C LEU A 23 -7.45 4.06 -8.46
N CYS A 24 -6.37 4.79 -8.19
CA CYS A 24 -6.34 6.21 -8.51
C CYS A 24 -6.68 6.37 -9.99
N LYS A 25 -6.50 5.30 -10.74
CA LYS A 25 -6.79 5.31 -12.16
C LYS A 25 -8.09 4.55 -12.42
N LYS A 26 -9.09 4.86 -11.60
CA LYS A 26 -10.39 4.22 -11.74
C LYS A 26 -10.18 2.71 -11.96
N ARG A 27 -9.90 2.01 -10.88
CA ARG A 27 -9.68 0.58 -10.94
C ARG A 27 -10.24 -0.11 -9.70
N PRO A 28 -11.57 -0.39 -9.75
CA PRO A 28 -12.24 -1.04 -8.63
C PRO A 28 -11.89 -2.52 -8.57
N LYS A 29 -12.26 -3.14 -7.46
CA LYS A 29 -11.99 -4.56 -7.26
C LYS A 29 -13.03 -5.13 -6.31
N PRO A 30 -14.27 -5.33 -6.83
CA PRO A 30 -15.35 -5.88 -6.03
C PRO A 30 -15.16 -7.38 -5.82
N MET A 1 4.23 -0.55 19.94
CA MET A 1 5.42 -1.37 19.72
C MET A 1 5.78 -1.40 18.22
N VAL A 2 6.83 -0.66 17.89
CA VAL A 2 7.29 -0.60 16.51
C VAL A 2 8.15 -1.82 16.21
N LYS A 3 8.66 -2.43 17.27
CA LYS A 3 9.49 -3.61 17.14
C LYS A 3 8.81 -4.62 16.22
N SER A 4 7.49 -4.49 16.13
CA SER A 4 6.71 -5.38 15.28
C SER A 4 6.14 -4.60 14.10
N LYS A 5 6.05 -3.29 14.28
CA LYS A 5 5.53 -2.43 13.24
C LYS A 5 6.62 -2.17 12.18
N ILE A 6 7.86 -2.41 12.61
CA ILE A 6 9.00 -2.21 11.72
C ILE A 6 8.68 -2.81 10.36
N GLY A 7 9.04 -4.09 10.21
CA GLY A 7 8.81 -4.79 8.96
C GLY A 7 7.35 -5.24 8.85
N SER A 8 6.46 -4.29 9.04
CA SER A 8 5.03 -4.58 8.98
C SER A 8 4.28 -3.36 8.45
N TRP A 9 4.61 -2.20 9.01
CA TRP A 9 3.99 -0.96 8.61
C TRP A 9 4.46 -0.62 7.20
N ILE A 10 5.78 -0.59 7.04
CA ILE A 10 6.38 -0.28 5.76
C ILE A 10 5.86 -1.27 4.71
N LEU A 11 5.47 -2.44 5.18
CA LEU A 11 4.96 -3.48 4.31
C LEU A 11 3.52 -3.13 3.90
N VAL A 12 2.72 -2.81 4.90
CA VAL A 12 1.33 -2.46 4.67
C VAL A 12 1.27 -1.20 3.78
N LEU A 13 2.41 -0.54 3.67
CA LEU A 13 2.49 0.67 2.88
C LEU A 13 2.77 0.29 1.41
N PHE A 14 3.73 -0.60 1.24
CA PHE A 14 4.11 -1.05 -0.09
C PHE A 14 2.90 -1.68 -0.81
N VAL A 15 2.02 -2.27 -0.01
CA VAL A 15 0.83 -2.90 -0.56
C VAL A 15 -0.28 -1.86 -0.70
N ALA A 16 -0.14 -0.79 0.08
CA ALA A 16 -1.12 0.29 0.05
C ALA A 16 -0.84 1.19 -1.15
N MET A 17 0.44 1.39 -1.43
CA MET A 17 0.84 2.22 -2.55
C MET A 17 0.54 1.54 -3.88
N TRP A 18 0.88 0.27 -3.96
CA TRP A 18 0.65 -0.50 -5.16
C TRP A 18 -0.86 -0.54 -5.42
N SER A 19 -1.61 -0.35 -4.34
CA SER A 19 -3.06 -0.35 -4.43
C SER A 19 -3.58 1.07 -4.63
N ASP A 20 -2.72 2.03 -4.33
CA ASP A 20 -3.07 3.43 -4.46
C ASP A 20 -2.20 4.08 -5.54
N VAL A 21 -1.64 3.23 -6.39
CA VAL A 21 -0.79 3.70 -7.46
C VAL A 21 -0.80 2.69 -8.60
N GLY A 22 -0.65 1.42 -8.23
CA GLY A 22 -0.64 0.34 -9.20
C GLY A 22 -1.64 0.62 -10.33
N LEU A 23 -2.92 0.48 -9.99
CA LEU A 23 -3.98 0.71 -10.96
C LEU A 23 -4.59 2.09 -10.73
N CYS A 24 -3.74 3.11 -10.90
CA CYS A 24 -4.19 4.48 -10.71
C CYS A 24 -4.08 5.20 -12.05
N LYS A 25 -4.16 4.42 -13.13
CA LYS A 25 -4.08 4.97 -14.47
C LYS A 25 -4.96 4.13 -15.40
N LYS A 26 -5.89 3.41 -14.81
CA LYS A 26 -6.80 2.57 -15.58
C LYS A 26 -8.12 3.31 -15.80
N ARG A 27 -9.13 2.90 -15.04
CA ARG A 27 -10.44 3.51 -15.16
C ARG A 27 -11.17 2.98 -16.39
N PRO A 28 -12.01 1.93 -16.14
CA PRO A 28 -12.77 1.33 -17.21
C PRO A 28 -13.95 2.21 -17.62
N LYS A 29 -13.65 3.17 -18.50
CA LYS A 29 -14.67 4.09 -18.97
C LYS A 29 -15.70 3.32 -19.80
N PRO A 30 -16.78 4.04 -20.20
CA PRO A 30 -17.85 3.44 -20.98
C PRO A 30 -17.40 3.26 -22.44
N MET A 1 -1.12 -10.59 14.41
CA MET A 1 -0.39 -9.40 14.77
C MET A 1 0.95 -9.75 15.44
N VAL A 2 1.79 -8.73 15.59
CA VAL A 2 3.09 -8.92 16.19
C VAL A 2 3.11 -8.24 17.57
N LYS A 3 4.30 -7.84 17.98
CA LYS A 3 4.47 -7.18 19.26
C LYS A 3 5.52 -6.08 19.13
N SER A 4 5.12 -5.01 18.46
CA SER A 4 6.02 -3.88 18.24
C SER A 4 5.53 -3.03 17.07
N LYS A 5 4.83 -3.70 16.16
CA LYS A 5 4.30 -3.02 14.98
C LYS A 5 5.35 -2.05 14.45
N ILE A 6 6.39 -2.60 13.86
CA ILE A 6 7.47 -1.80 13.30
C ILE A 6 7.37 -1.82 11.77
N GLY A 7 8.24 -2.61 11.16
CA GLY A 7 8.26 -2.71 9.72
C GLY A 7 6.93 -3.25 9.18
N SER A 8 6.13 -3.76 10.10
CA SER A 8 4.83 -4.31 9.75
C SER A 8 3.96 -3.22 9.11
N TRP A 9 4.40 -1.98 9.28
CA TRP A 9 3.69 -0.85 8.73
C TRP A 9 4.36 -0.45 7.41
N ILE A 10 5.60 -0.90 7.26
CA ILE A 10 6.37 -0.60 6.07
C ILE A 10 5.92 -1.53 4.93
N LEU A 11 5.38 -2.67 5.33
CA LEU A 11 4.90 -3.65 4.36
C LEU A 11 3.53 -3.22 3.84
N VAL A 12 2.64 -2.93 4.76
CA VAL A 12 1.29 -2.52 4.41
C VAL A 12 1.37 -1.24 3.57
N LEU A 13 2.51 -0.58 3.65
CA LEU A 13 2.73 0.65 2.92
C LEU A 13 2.90 0.33 1.43
N PHE A 14 3.85 -0.56 1.16
CA PHE A 14 4.14 -0.97 -0.21
C PHE A 14 2.86 -1.45 -0.90
N VAL A 15 2.12 -2.30 -0.20
CA VAL A 15 0.89 -2.84 -0.74
C VAL A 15 -0.15 -1.71 -0.83
N ALA A 16 0.02 -0.72 0.02
CA ALA A 16 -0.89 0.41 0.04
C ALA A 16 -0.70 1.24 -1.24
N MET A 17 0.56 1.46 -1.58
CA MET A 17 0.88 2.23 -2.77
C MET A 17 0.41 1.51 -4.03
N TRP A 18 0.86 0.26 -4.17
CA TRP A 18 0.49 -0.53 -5.32
C TRP A 18 -1.04 -0.63 -5.37
N SER A 19 -1.66 -0.39 -4.22
CA SER A 19 -3.11 -0.45 -4.12
C SER A 19 -3.69 0.95 -4.36
N ASP A 20 -2.88 1.95 -4.10
CA ASP A 20 -3.31 3.33 -4.28
C ASP A 20 -3.26 3.67 -5.77
N VAL A 21 -2.17 3.27 -6.40
CA VAL A 21 -1.97 3.53 -7.82
C VAL A 21 -3.13 2.90 -8.61
N GLY A 22 -3.50 1.70 -8.17
CA GLY A 22 -4.58 0.98 -8.83
C GLY A 22 -5.72 1.93 -9.21
N LEU A 23 -6.18 2.69 -8.23
CA LEU A 23 -7.25 3.64 -8.45
C LEU A 23 -7.05 4.33 -9.79
N CYS A 24 -5.90 4.98 -9.92
CA CYS A 24 -5.57 5.69 -11.14
C CYS A 24 -4.77 4.74 -12.05
N LYS A 25 -5.25 3.50 -12.11
CA LYS A 25 -4.60 2.49 -12.93
C LYS A 25 -5.37 1.17 -12.81
N LYS A 26 -6.68 1.29 -12.74
CA LYS A 26 -7.54 0.12 -12.62
C LYS A 26 -7.85 -0.43 -14.01
N ARG A 27 -7.73 0.45 -14.99
CA ARG A 27 -8.00 0.07 -16.38
C ARG A 27 -7.48 -1.34 -16.65
N PRO A 28 -8.42 -2.31 -16.59
CA PRO A 28 -8.08 -3.71 -16.84
C PRO A 28 -7.84 -3.96 -18.33
N LYS A 29 -6.88 -3.24 -18.88
CA LYS A 29 -6.54 -3.37 -20.28
C LYS A 29 -5.03 -3.19 -20.46
N PRO A 30 -4.51 -3.76 -21.58
CA PRO A 30 -3.10 -3.67 -21.89
C PRO A 30 -2.74 -2.27 -22.39
N MET A 1 -1.20 -2.95 11.84
CA MET A 1 -1.25 -3.54 13.16
C MET A 1 0.00 -4.38 13.44
N VAL A 2 0.62 -4.10 14.57
CA VAL A 2 1.83 -4.81 14.95
C VAL A 2 2.25 -4.37 16.36
N LYS A 3 3.55 -4.48 16.61
CA LYS A 3 4.09 -4.11 17.91
C LYS A 3 5.62 -4.13 17.85
N SER A 4 6.18 -5.24 18.30
CA SER A 4 7.62 -5.41 18.30
C SER A 4 8.15 -5.40 16.87
N LYS A 5 7.24 -5.61 15.94
CA LYS A 5 7.60 -5.62 14.53
C LYS A 5 7.15 -4.32 13.88
N ILE A 6 7.74 -3.23 14.35
CA ILE A 6 7.40 -1.92 13.83
C ILE A 6 7.67 -1.88 12.32
N GLY A 7 8.45 -2.85 11.87
CA GLY A 7 8.79 -2.96 10.46
C GLY A 7 7.77 -3.81 9.71
N SER A 8 6.52 -3.72 10.17
CA SER A 8 5.45 -4.48 9.55
C SER A 8 4.49 -3.53 8.82
N TRP A 9 4.52 -2.28 9.24
CA TRP A 9 3.66 -1.27 8.63
C TRP A 9 4.27 -0.88 7.29
N ILE A 10 5.60 -0.89 7.25
CA ILE A 10 6.31 -0.53 6.03
C ILE A 10 5.78 -1.38 4.88
N LEU A 11 5.47 -2.63 5.18
CA LEU A 11 4.96 -3.53 4.17
C LEU A 11 3.54 -3.10 3.77
N VAL A 12 2.77 -2.72 4.78
CA VAL A 12 1.41 -2.27 4.55
C VAL A 12 1.41 -1.04 3.65
N LEU A 13 2.55 -0.38 3.64
CA LEU A 13 2.71 0.82 2.82
C LEU A 13 2.90 0.42 1.36
N PHE A 14 3.86 -0.47 1.14
CA PHE A 14 4.15 -0.95 -0.20
C PHE A 14 2.89 -1.48 -0.88
N VAL A 15 2.08 -2.16 -0.08
CA VAL A 15 0.83 -2.73 -0.59
C VAL A 15 -0.21 -1.62 -0.75
N ALA A 16 -0.03 -0.58 0.05
CA ALA A 16 -0.94 0.56 0.03
C ALA A 16 -0.71 1.35 -1.26
N MET A 17 0.56 1.53 -1.58
CA MET A 17 0.93 2.28 -2.78
C MET A 17 0.58 1.49 -4.04
N TRP A 18 0.81 0.19 -3.98
CA TRP A 18 0.52 -0.68 -5.11
C TRP A 18 -1.00 -0.78 -5.24
N SER A 19 -1.68 -0.53 -4.14
CA SER A 19 -3.13 -0.59 -4.12
C SER A 19 -3.72 0.81 -4.35
N ASP A 20 -2.89 1.81 -4.08
CA ASP A 20 -3.31 3.19 -4.25
C ASP A 20 -3.06 3.62 -5.70
N VAL A 21 -1.92 3.20 -6.22
CA VAL A 21 -1.56 3.53 -7.58
C VAL A 21 -2.78 3.41 -8.48
N GLY A 22 -3.48 2.30 -8.34
CA GLY A 22 -4.68 2.05 -9.14
C GLY A 22 -4.37 2.14 -10.63
N LEU A 23 -3.35 1.42 -11.05
CA LEU A 23 -2.94 1.40 -12.44
C LEU A 23 -2.64 2.83 -12.89
N CYS A 24 -1.53 3.36 -12.38
CA CYS A 24 -1.12 4.71 -12.72
C CYS A 24 -0.98 4.81 -14.24
N LYS A 25 -0.80 3.64 -14.85
CA LYS A 25 -0.64 3.57 -16.30
C LYS A 25 -1.99 3.85 -16.97
N LYS A 26 -3.05 3.70 -16.17
CA LYS A 26 -4.39 3.93 -16.67
C LYS A 26 -4.88 5.30 -16.20
N ARG A 27 -4.08 6.31 -16.49
CA ARG A 27 -4.41 7.67 -16.12
C ARG A 27 -4.48 7.80 -14.60
N PRO A 28 -3.64 8.72 -14.06
CA PRO A 28 -3.60 8.95 -12.62
C PRO A 28 -4.82 9.73 -12.15
N LYS A 29 -4.81 10.09 -10.87
CA LYS A 29 -5.91 10.84 -10.29
C LYS A 29 -6.36 11.92 -11.26
N PRO A 30 -7.63 12.37 -11.08
CA PRO A 30 -8.19 13.41 -11.93
C PRO A 30 -7.61 14.78 -11.57
N MET A 1 15.45 -13.61 8.56
CA MET A 1 15.78 -12.29 8.05
C MET A 1 15.51 -11.21 9.10
N VAL A 2 14.27 -11.17 9.55
CA VAL A 2 13.86 -10.19 10.54
C VAL A 2 13.61 -10.91 11.88
N LYS A 3 12.74 -10.31 12.68
CA LYS A 3 12.40 -10.88 13.97
C LYS A 3 11.70 -9.81 14.82
N SER A 4 12.08 -8.56 14.57
CA SER A 4 11.51 -7.45 15.30
C SER A 4 10.14 -7.08 14.70
N LYS A 5 9.96 -7.46 13.45
CA LYS A 5 8.72 -7.17 12.75
C LYS A 5 8.53 -5.65 12.65
N ILE A 6 9.55 -5.00 12.12
CA ILE A 6 9.51 -3.55 11.96
C ILE A 6 9.01 -3.22 10.55
N GLY A 7 9.14 -4.18 9.66
CA GLY A 7 8.70 -4.00 8.28
C GLY A 7 7.23 -4.38 8.12
N SER A 8 6.53 -4.39 9.24
CA SER A 8 5.11 -4.72 9.23
C SER A 8 4.28 -3.49 8.87
N TRP A 9 4.87 -2.32 9.13
CA TRP A 9 4.20 -1.07 8.84
C TRP A 9 4.73 -0.55 7.49
N ILE A 10 5.80 -1.18 7.04
CA ILE A 10 6.43 -0.80 5.78
C ILE A 10 5.81 -1.62 4.65
N LEU A 11 5.20 -2.73 5.04
CA LEU A 11 4.58 -3.61 4.06
C LEU A 11 3.20 -3.05 3.68
N VAL A 12 2.40 -2.76 4.70
CA VAL A 12 1.07 -2.23 4.49
C VAL A 12 1.16 -0.99 3.58
N LEU A 13 2.29 -0.30 3.69
CA LEU A 13 2.51 0.89 2.89
C LEU A 13 2.76 0.49 1.44
N PHE A 14 3.75 -0.38 1.25
CA PHE A 14 4.10 -0.85 -0.08
C PHE A 14 2.88 -1.47 -0.77
N VAL A 15 2.10 -2.22 0.01
CA VAL A 15 0.91 -2.87 -0.52
C VAL A 15 -0.22 -1.85 -0.61
N ALA A 16 0.00 -0.71 0.03
CA ALA A 16 -0.99 0.35 0.04
C ALA A 16 -0.73 1.29 -1.14
N MET A 17 0.54 1.46 -1.45
CA MET A 17 0.94 2.33 -2.55
C MET A 17 0.67 1.66 -3.90
N TRP A 18 0.81 0.34 -3.90
CA TRP A 18 0.59 -0.42 -5.12
C TRP A 18 -0.92 -0.52 -5.35
N SER A 19 -1.63 -0.84 -4.27
CA SER A 19 -3.08 -0.97 -4.34
C SER A 19 -3.70 0.38 -4.72
N ASP A 20 -2.95 1.44 -4.47
CA ASP A 20 -3.42 2.78 -4.78
C ASP A 20 -3.32 3.01 -6.28
N VAL A 21 -2.20 2.58 -6.84
CA VAL A 21 -1.96 2.73 -8.26
C VAL A 21 -3.06 2.01 -9.05
N GLY A 22 -3.68 1.05 -8.37
CA GLY A 22 -4.74 0.28 -8.99
C GLY A 22 -5.64 1.16 -9.86
N LEU A 23 -6.51 1.90 -9.18
CA LEU A 23 -7.42 2.80 -9.88
C LEU A 23 -7.86 3.91 -8.93
N CYS A 24 -7.06 4.97 -8.90
CA CYS A 24 -7.34 6.10 -8.04
C CYS A 24 -6.75 7.35 -8.69
N LYS A 25 -7.61 8.10 -9.37
CA LYS A 25 -7.19 9.31 -10.04
C LYS A 25 -5.86 9.07 -10.74
N LYS A 26 -5.65 7.82 -11.13
CA LYS A 26 -4.42 7.45 -11.81
C LYS A 26 -4.74 6.48 -12.95
N ARG A 27 -4.48 5.21 -12.71
CA ARG A 27 -4.74 4.18 -13.71
C ARG A 27 -3.92 4.46 -14.98
N PRO A 28 -2.64 4.03 -14.94
CA PRO A 28 -1.76 4.22 -16.07
C PRO A 28 -2.08 3.25 -17.21
N LYS A 29 -1.99 1.97 -16.88
CA LYS A 29 -2.28 0.92 -17.86
C LYS A 29 -3.12 -0.17 -17.20
N PRO A 30 -4.09 -0.71 -17.99
CA PRO A 30 -4.96 -1.75 -17.50
C PRO A 30 -4.22 -3.10 -17.41
N MET A 1 5.82 -12.41 17.93
CA MET A 1 7.08 -12.69 17.29
C MET A 1 7.40 -11.65 16.22
N VAL A 2 7.61 -10.42 16.66
CA VAL A 2 7.93 -9.33 15.76
C VAL A 2 8.91 -8.38 16.43
N LYS A 3 9.62 -7.64 15.60
CA LYS A 3 10.60 -6.68 16.10
C LYS A 3 9.91 -5.35 16.38
N SER A 4 8.95 -5.03 15.52
CA SER A 4 8.21 -3.78 15.68
C SER A 4 7.01 -3.77 14.72
N LYS A 5 5.84 -3.53 15.28
CA LYS A 5 4.61 -3.50 14.50
C LYS A 5 4.50 -2.13 13.82
N ILE A 6 5.28 -1.18 14.32
CA ILE A 6 5.28 0.16 13.76
C ILE A 6 6.15 0.20 12.50
N GLY A 7 7.06 -0.77 12.42
CA GLY A 7 7.95 -0.85 11.28
C GLY A 7 7.34 -1.70 10.17
N SER A 8 6.83 -2.86 10.57
CA SER A 8 6.23 -3.77 9.62
C SER A 8 5.20 -3.02 8.76
N TRP A 9 4.73 -1.90 9.29
CA TRP A 9 3.75 -1.09 8.59
C TRP A 9 4.32 -0.77 7.20
N ILE A 10 5.64 -0.66 7.15
CA ILE A 10 6.32 -0.35 5.90
C ILE A 10 5.73 -1.23 4.78
N LEU A 11 5.60 -2.50 5.09
CA LEU A 11 5.06 -3.45 4.13
C LEU A 11 3.62 -3.05 3.78
N VAL A 12 2.85 -2.75 4.82
CA VAL A 12 1.47 -2.37 4.64
C VAL A 12 1.41 -1.15 3.71
N LEU A 13 2.52 -0.45 3.63
CA LEU A 13 2.61 0.74 2.78
C LEU A 13 2.80 0.30 1.33
N PHE A 14 3.76 -0.59 1.14
CA PHE A 14 4.04 -1.09 -0.20
C PHE A 14 2.79 -1.68 -0.85
N VAL A 15 2.02 -2.38 -0.04
CA VAL A 15 0.80 -3.00 -0.52
C VAL A 15 -0.31 -1.94 -0.59
N ALA A 16 -0.05 -0.82 0.07
CA ALA A 16 -1.01 0.27 0.10
C ALA A 16 -0.76 1.19 -1.10
N MET A 17 0.51 1.35 -1.43
CA MET A 17 0.90 2.19 -2.55
C MET A 17 0.59 1.52 -3.88
N TRP A 18 0.86 0.22 -3.93
CA TRP A 18 0.62 -0.55 -5.14
C TRP A 18 -0.89 -0.55 -5.40
N SER A 19 -1.64 -0.34 -4.33
CA SER A 19 -3.09 -0.31 -4.43
C SER A 19 -3.58 1.13 -4.62
N ASP A 20 -2.69 2.06 -4.32
CA ASP A 20 -3.01 3.47 -4.47
C ASP A 20 -2.47 3.99 -5.79
N VAL A 21 -1.86 3.09 -6.54
CA VAL A 21 -1.30 3.43 -7.83
C VAL A 21 -2.12 2.77 -8.94
N GLY A 22 -2.82 1.70 -8.57
CA GLY A 22 -3.65 0.98 -9.51
C GLY A 22 -5.09 1.49 -9.46
N LEU A 23 -5.22 2.80 -9.34
CA LEU A 23 -6.53 3.43 -9.29
C LEU A 23 -6.52 4.71 -10.10
N CYS A 24 -5.64 5.62 -9.70
CA CYS A 24 -5.52 6.89 -10.39
C CYS A 24 -4.29 6.83 -11.30
N LYS A 25 -4.43 6.06 -12.37
CA LYS A 25 -3.34 5.90 -13.33
C LYS A 25 -3.62 4.68 -14.20
N LYS A 26 -4.31 3.71 -13.61
CA LYS A 26 -4.65 2.49 -14.33
C LYS A 26 -6.08 2.57 -14.82
N ARG A 27 -6.36 3.61 -15.60
CA ARG A 27 -7.69 3.82 -16.14
C ARG A 27 -7.69 3.59 -17.65
N PRO A 28 -8.87 3.13 -18.16
CA PRO A 28 -9.01 2.87 -19.59
C PRO A 28 -9.14 4.17 -20.37
N LYS A 29 -8.03 4.57 -20.99
CA LYS A 29 -8.01 5.79 -21.77
C LYS A 29 -8.82 5.59 -23.05
N PRO A 30 -8.47 4.51 -23.80
CA PRO A 30 -9.15 4.19 -25.04
C PRO A 30 -10.53 3.59 -24.76
N MET A 1 11.73 -10.79 17.30
CA MET A 1 10.39 -11.12 17.71
C MET A 1 9.55 -9.85 17.91
N VAL A 2 10.03 -9.00 18.81
CA VAL A 2 9.34 -7.75 19.10
C VAL A 2 7.91 -8.07 19.54
N LYS A 3 7.26 -7.04 20.09
CA LYS A 3 5.90 -7.19 20.55
C LYS A 3 5.03 -6.07 19.95
N SER A 4 4.96 -6.07 18.63
CA SER A 4 4.18 -5.07 17.92
C SER A 4 4.45 -5.16 16.42
N LYS A 5 5.68 -5.53 16.08
CA LYS A 5 6.08 -5.67 14.70
C LYS A 5 6.04 -4.29 14.02
N ILE A 6 7.11 -3.54 14.24
CA ILE A 6 7.20 -2.21 13.65
C ILE A 6 7.59 -2.32 12.18
N GLY A 7 8.15 -3.47 11.84
CA GLY A 7 8.57 -3.72 10.48
C GLY A 7 7.44 -4.34 9.65
N SER A 8 6.21 -4.04 10.07
CA SER A 8 5.04 -4.55 9.38
C SER A 8 4.30 -3.41 8.69
N TRP A 9 4.54 -2.20 9.19
CA TRP A 9 3.90 -1.02 8.63
C TRP A 9 4.43 -0.83 7.21
N ILE A 10 5.73 -0.62 7.11
CA ILE A 10 6.36 -0.42 5.81
C ILE A 10 5.75 -1.39 4.80
N LEU A 11 5.31 -2.53 5.30
CA LEU A 11 4.70 -3.53 4.45
C LEU A 11 3.37 -3.00 3.90
N VAL A 12 2.45 -2.76 4.82
CA VAL A 12 1.13 -2.25 4.44
C VAL A 12 1.31 -1.10 3.45
N LEU A 13 2.39 -0.35 3.64
CA LEU A 13 2.68 0.77 2.77
C LEU A 13 2.85 0.27 1.34
N PHE A 14 3.91 -0.49 1.13
CA PHE A 14 4.19 -1.04 -0.18
C PHE A 14 2.90 -1.48 -0.89
N VAL A 15 2.10 -2.23 -0.16
CA VAL A 15 0.84 -2.72 -0.70
C VAL A 15 -0.14 -1.55 -0.83
N ALA A 16 -0.09 -0.66 0.15
CA ALA A 16 -0.96 0.50 0.15
C ALA A 16 -0.65 1.36 -1.07
N MET A 17 0.63 1.39 -1.44
CA MET A 17 1.07 2.17 -2.57
C MET A 17 0.66 1.50 -3.89
N TRP A 18 0.82 0.18 -3.92
CA TRP A 18 0.49 -0.58 -5.10
C TRP A 18 -1.04 -0.62 -5.22
N SER A 19 -1.69 -0.77 -4.08
CA SER A 19 -3.14 -0.83 -4.03
C SER A 19 -3.72 0.54 -4.40
N ASP A 20 -2.90 1.57 -4.22
CA ASP A 20 -3.32 2.92 -4.53
C ASP A 20 -3.16 3.17 -6.04
N VAL A 21 -2.05 2.68 -6.56
CA VAL A 21 -1.76 2.84 -7.98
C VAL A 21 -2.77 2.03 -8.79
N GLY A 22 -3.35 1.04 -8.15
CA GLY A 22 -4.33 0.18 -8.80
C GLY A 22 -5.75 0.58 -8.41
N LEU A 23 -5.95 1.90 -8.34
CA LEU A 23 -7.25 2.43 -7.98
C LEU A 23 -7.20 3.95 -7.99
N CYS A 24 -6.46 4.48 -8.96
CA CYS A 24 -6.31 5.92 -9.08
C CYS A 24 -7.10 6.37 -10.30
N LYS A 25 -7.35 5.43 -11.20
CA LYS A 25 -8.10 5.72 -12.41
C LYS A 25 -9.45 5.01 -12.35
N LYS A 26 -9.54 4.05 -11.43
CA LYS A 26 -10.77 3.29 -11.27
C LYS A 26 -11.69 4.03 -10.29
N ARG A 27 -11.09 4.93 -9.53
CA ARG A 27 -11.84 5.70 -8.55
C ARG A 27 -12.63 6.81 -9.25
N PRO A 28 -13.81 7.13 -8.65
CA PRO A 28 -14.66 8.17 -9.20
C PRO A 28 -14.10 9.56 -8.91
N LYS A 29 -13.59 10.19 -9.96
CA LYS A 29 -13.02 11.52 -9.84
C LYS A 29 -14.13 12.56 -9.89
N PRO A 30 -13.79 13.80 -9.44
CA PRO A 30 -14.76 14.88 -9.43
C PRO A 30 -14.99 15.43 -10.85
N MET A 1 8.38 0.42 19.30
CA MET A 1 7.52 -0.46 20.07
C MET A 1 6.08 -0.40 19.56
N VAL A 2 5.79 -1.24 18.58
CA VAL A 2 4.47 -1.30 18.00
C VAL A 2 4.00 -2.75 17.94
N LYS A 3 2.73 -2.92 17.59
CA LYS A 3 2.15 -4.25 17.50
C LYS A 3 2.29 -4.78 16.07
N SER A 4 2.48 -3.83 15.16
CA SER A 4 2.63 -4.19 13.75
C SER A 4 4.01 -4.81 13.51
N LYS A 5 4.94 -4.44 14.39
CA LYS A 5 6.29 -4.96 14.29
C LYS A 5 7.09 -4.11 13.30
N ILE A 6 6.47 -3.01 12.88
CA ILE A 6 7.09 -2.11 11.93
C ILE A 6 7.17 -2.78 10.56
N GLY A 7 7.82 -3.93 10.54
CA GLY A 7 7.97 -4.69 9.31
C GLY A 7 6.62 -4.94 8.65
N SER A 8 5.57 -4.81 9.46
CA SER A 8 4.22 -5.02 8.97
C SER A 8 3.62 -3.70 8.48
N TRP A 9 4.17 -2.62 9.01
CA TRP A 9 3.70 -1.29 8.64
C TRP A 9 4.34 -0.92 7.30
N ILE A 10 5.62 -1.22 7.19
CA ILE A 10 6.36 -0.93 5.96
C ILE A 10 5.65 -1.60 4.78
N LEU A 11 5.30 -2.86 4.98
CA LEU A 11 4.62 -3.62 3.94
C LEU A 11 3.29 -2.94 3.61
N VAL A 12 2.53 -2.68 4.65
CA VAL A 12 1.23 -2.04 4.49
C VAL A 12 1.39 -0.78 3.64
N LEU A 13 2.60 -0.24 3.65
CA LEU A 13 2.90 0.95 2.88
C LEU A 13 3.13 0.57 1.41
N PHE A 14 4.03 -0.37 1.22
CA PHE A 14 4.35 -0.84 -0.12
C PHE A 14 3.13 -1.46 -0.80
N VAL A 15 2.27 -2.02 0.04
CA VAL A 15 1.05 -2.66 -0.46
C VAL A 15 -0.07 -1.63 -0.54
N ALA A 16 0.18 -0.50 0.12
CA ALA A 16 -0.81 0.57 0.12
C ALA A 16 -0.65 1.41 -1.15
N MET A 17 0.58 1.54 -1.60
CA MET A 17 0.88 2.30 -2.80
C MET A 17 0.48 1.52 -4.05
N TRP A 18 0.74 0.23 -4.02
CA TRP A 18 0.42 -0.64 -5.14
C TRP A 18 -1.10 -0.74 -5.24
N SER A 19 -1.73 -0.77 -4.07
CA SER A 19 -3.18 -0.88 -4.00
C SER A 19 -3.82 0.37 -4.62
N ASP A 20 -3.04 1.44 -4.67
CA ASP A 20 -3.50 2.68 -5.24
C ASP A 20 -3.33 2.65 -6.77
N VAL A 21 -2.20 2.10 -7.18
CA VAL A 21 -1.90 2.00 -8.60
C VAL A 21 -2.84 0.99 -9.25
N GLY A 22 -3.35 0.08 -8.42
CA GLY A 22 -4.26 -0.94 -8.90
C GLY A 22 -5.70 -0.62 -8.50
N LEU A 23 -6.09 0.62 -8.76
CA LEU A 23 -7.44 1.07 -8.43
C LEU A 23 -7.70 2.41 -9.11
N CYS A 24 -6.82 3.36 -8.85
CA CYS A 24 -6.95 4.68 -9.42
C CYS A 24 -6.12 4.73 -10.70
N LYS A 25 -6.67 4.16 -11.76
CA LYS A 25 -5.99 4.13 -13.04
C LYS A 25 -6.92 3.52 -14.09
N LYS A 26 -7.63 2.48 -13.68
CA LYS A 26 -8.55 1.80 -14.57
C LYS A 26 -9.97 2.30 -14.29
N ARG A 27 -10.71 1.51 -13.54
CA ARG A 27 -12.09 1.85 -13.20
C ARG A 27 -12.80 0.66 -12.56
N PRO A 28 -12.76 -0.49 -13.30
CA PRO A 28 -13.40 -1.70 -12.82
C PRO A 28 -12.57 -2.35 -11.70
N LYS A 29 -13.28 -2.94 -10.76
CA LYS A 29 -12.63 -3.60 -9.64
C LYS A 29 -11.89 -4.85 -10.13
N PRO A 30 -12.66 -5.74 -10.83
CA PRO A 30 -12.10 -6.96 -11.37
C PRO A 30 -11.25 -6.67 -12.60
#